data_2FV0
#
_entry.id   2FV0
#
_cell.length_a   87.662
_cell.length_b   93.479
_cell.length_c   95.352
_cell.angle_alpha   90.00
_cell.angle_beta   90.00
_cell.angle_gamma   90.00
#
_symmetry.space_group_name_H-M   'P 21 21 21'
#
loop_
_entity.id
_entity.type
_entity.pdbx_description
1 polymer 'Unsaturated glucuronyl hydrolase'
2 branched '2,6-anhydro-3-deoxy-L-threo-hex-2-enonic acid-(1-4)-beta-D-glucopyranose-(1-4)-alpha-L-rhamnopyranose-(1-3)-beta-D-glucopyranose'
3 water water
#
_entity_poly.entity_id   1
_entity_poly.type   'polypeptide(L)'
_entity_poly.pdbx_seq_one_letter_code
;MWQQAIGDALGITARNLKKFGDRFPHVSDGSNKYVLNDNTDWTDGFWSGILWLCYEYTGDEQYREGAVRTVASFRERLDR
FENLDHHNIGFLYSLSAKAQWIVEKDESARKLALDAADVLMRRWRADAGIIQAWGPKGDPENGGRIIIDCLLNLPLLLWA
GEQTGDPEYRRVAEAHALKSRRFLVRGDDSSYHTFYFDPENGNAIRGGTHQGNTDGSTWTRGQAWGIYGFALNSRYLGNA
DLLETAKRMARHFLARVPEDGVVYWDFEVPQEPSSYRDSSASAITACGLLEIASQLDESDPERQRFIDAAKTTVTALRDG
YAERDDGEAEGFIRRGSYHVRGGISPDDYTIWGDYYYLEALLRLERGVTGYWYERGR
;
_entity_poly.pdbx_strand_id   A,B
#
# COMPACT_ATOMS: atom_id res chain seq x y z
N MET A 1 38.74 0.83 8.80
CA MET A 1 37.26 0.91 8.89
C MET A 1 36.60 0.82 7.51
N TRP A 2 36.79 1.86 6.70
CA TRP A 2 36.24 1.91 5.36
C TRP A 2 37.34 2.03 4.31
N GLN A 3 38.50 2.52 4.73
CA GLN A 3 39.64 2.71 3.83
C GLN A 3 40.08 1.44 3.12
N GLN A 4 40.31 0.37 3.87
CA GLN A 4 40.75 -0.88 3.26
C GLN A 4 39.76 -1.31 2.18
N ALA A 5 38.48 -1.35 2.53
CA ALA A 5 37.42 -1.76 1.62
C ALA A 5 37.45 -0.94 0.35
N ILE A 6 37.67 0.37 0.51
CA ILE A 6 37.72 1.27 -0.63
C ILE A 6 39.00 1.02 -1.43
N GLY A 7 40.06 0.64 -0.72
CA GLY A 7 41.33 0.36 -1.37
C GLY A 7 41.24 -0.78 -2.38
N ASP A 8 40.52 -1.84 -2.02
CA ASP A 8 40.35 -2.97 -2.92
C ASP A 8 39.56 -2.54 -4.15
N ALA A 9 38.51 -1.77 -3.93
CA ALA A 9 37.68 -1.28 -5.01
C ALA A 9 38.53 -0.42 -5.95
N LEU A 10 39.39 0.40 -5.36
CA LEU A 10 40.28 1.29 -6.09
C LEU A 10 41.22 0.51 -6.99
N GLY A 11 41.90 -0.48 -6.41
CA GLY A 11 42.82 -1.30 -7.17
C GLY A 11 42.14 -2.07 -8.28
N ILE A 12 40.98 -2.64 -7.96
CA ILE A 12 40.22 -3.39 -8.93
C ILE A 12 39.83 -2.52 -10.11
N THR A 13 39.34 -1.31 -9.83
CA THR A 13 38.92 -0.39 -10.87
C THR A 13 40.11 0.02 -11.75
N ALA A 14 41.26 0.24 -11.13
CA ALA A 14 42.47 0.62 -11.84
C ALA A 14 42.84 -0.44 -12.88
N ARG A 15 42.84 -1.70 -12.45
CA ARG A 15 43.15 -2.80 -13.36
C ARG A 15 42.08 -2.93 -14.44
N ASN A 16 40.82 -2.84 -14.01
CA ASN A 16 39.68 -2.95 -14.92
C ASN A 16 39.68 -1.93 -16.04
N LEU A 17 39.95 -0.67 -15.70
CA LEU A 17 39.96 0.40 -16.69
C LEU A 17 40.95 0.12 -17.80
N LYS A 18 42.10 -0.44 -17.45
CA LYS A 18 43.12 -0.75 -18.43
C LYS A 18 42.69 -1.92 -19.31
N LYS A 19 42.19 -2.97 -18.65
CA LYS A 19 41.74 -4.18 -19.32
C LYS A 19 40.51 -3.94 -20.17
N PHE A 20 39.54 -3.20 -19.62
CA PHE A 20 38.30 -2.92 -20.32
C PHE A 20 38.49 -1.94 -21.46
N GLY A 21 39.43 -1.03 -21.29
CA GLY A 21 39.70 -0.03 -22.31
C GLY A 21 38.51 0.89 -22.49
N ASP A 22 37.79 0.72 -23.60
CA ASP A 22 36.63 1.57 -23.89
C ASP A 22 35.29 0.87 -23.63
N ARG A 23 35.34 -0.44 -23.39
CA ARG A 23 34.15 -1.26 -23.15
C ARG A 23 33.59 -1.07 -21.74
N PHE A 24 32.36 -1.56 -21.54
CA PHE A 24 31.67 -1.43 -20.26
C PHE A 24 31.33 -2.74 -19.59
N PRO A 25 31.57 -2.84 -18.28
CA PRO A 25 31.27 -4.07 -17.55
C PRO A 25 29.77 -4.12 -17.22
N HIS A 26 29.20 -5.32 -17.19
CA HIS A 26 27.79 -5.50 -16.89
C HIS A 26 27.60 -6.42 -15.68
N VAL A 27 27.81 -7.72 -15.90
CA VAL A 27 27.70 -8.73 -14.85
C VAL A 27 28.71 -9.83 -15.17
N SER A 28 29.02 -10.67 -14.19
CA SER A 28 29.92 -11.79 -14.46
C SER A 28 28.96 -12.92 -14.79
N ASP A 29 29.49 -14.04 -15.26
CA ASP A 29 28.66 -15.20 -15.60
C ASP A 29 29.40 -16.49 -15.30
N GLY A 30 29.48 -16.82 -14.02
CA GLY A 30 30.16 -18.05 -13.62
C GLY A 30 31.65 -17.92 -13.30
N SER A 31 32.18 -16.70 -13.31
CA SER A 31 33.61 -16.51 -13.02
C SER A 31 33.89 -15.14 -12.41
N ASN A 32 35.18 -14.84 -12.21
CA ASN A 32 35.56 -13.56 -11.62
C ASN A 32 35.86 -12.50 -12.66
N LYS A 33 35.33 -12.69 -13.86
CA LYS A 33 35.53 -11.73 -14.93
C LYS A 33 34.20 -11.14 -15.36
N TYR A 34 34.19 -9.85 -15.61
CA TYR A 34 32.99 -9.15 -16.07
C TYR A 34 32.77 -9.42 -17.54
N VAL A 35 31.51 -9.46 -17.94
CA VAL A 35 31.15 -9.63 -19.35
C VAL A 35 30.97 -8.19 -19.79
N LEU A 36 31.67 -7.80 -20.87
CA LEU A 36 31.62 -6.43 -21.36
C LEU A 36 30.72 -6.22 -22.57
N ASN A 37 30.27 -4.97 -22.73
CA ASN A 37 29.41 -4.59 -23.85
C ASN A 37 29.91 -3.26 -24.39
N ASP A 38 29.47 -2.91 -25.59
CA ASP A 38 29.92 -1.65 -26.18
C ASP A 38 28.94 -0.52 -25.93
N ASN A 39 28.52 -0.38 -24.67
CA ASN A 39 27.57 0.65 -24.26
C ASN A 39 26.24 0.41 -24.94
N THR A 40 25.64 -0.75 -24.65
CA THR A 40 24.38 -1.12 -25.26
C THR A 40 23.37 -1.69 -24.28
N ASP A 41 23.65 -1.58 -22.99
CA ASP A 41 22.74 -2.10 -21.97
C ASP A 41 22.19 -0.95 -21.11
N TRP A 42 21.47 -1.31 -20.04
CA TRP A 42 20.90 -0.30 -19.16
C TRP A 42 21.82 0.06 -18.00
N THR A 43 22.94 -0.65 -17.91
CA THR A 43 23.89 -0.50 -16.80
C THR A 43 25.21 0.23 -17.04
N ASP A 44 25.48 0.58 -18.29
CA ASP A 44 26.74 1.23 -18.60
C ASP A 44 27.08 2.44 -17.74
N GLY A 45 26.04 3.15 -17.30
CA GLY A 45 26.27 4.32 -16.47
C GLY A 45 26.95 4.02 -15.13
N PHE A 46 26.73 2.83 -14.59
CA PHE A 46 27.34 2.47 -13.29
C PHE A 46 28.86 2.40 -13.39
N TRP A 47 29.37 2.03 -14.57
CA TRP A 47 30.80 1.98 -14.79
C TRP A 47 31.28 3.43 -14.70
N SER A 48 30.66 4.30 -15.51
CA SER A 48 31.02 5.72 -15.50
C SER A 48 30.93 6.25 -14.07
N GLY A 49 29.88 5.83 -13.36
CA GLY A 49 29.70 6.27 -11.99
C GLY A 49 30.79 5.82 -11.02
N ILE A 50 31.26 4.59 -11.21
CA ILE A 50 32.33 4.07 -10.36
C ILE A 50 33.62 4.83 -10.65
N LEU A 51 33.90 5.07 -11.93
CA LEU A 51 35.10 5.80 -12.32
C LEU A 51 35.09 7.20 -11.74
N TRP A 52 33.93 7.85 -11.78
CA TRP A 52 33.79 9.20 -11.23
C TRP A 52 34.01 9.17 -9.72
N LEU A 53 33.47 8.13 -9.08
CA LEU A 53 33.61 7.98 -7.63
C LEU A 53 35.08 7.80 -7.25
N CYS A 54 35.79 6.92 -7.97
CA CYS A 54 37.20 6.69 -7.67
C CYS A 54 37.99 7.98 -7.87
N TYR A 55 37.64 8.75 -8.89
CA TYR A 55 38.31 10.01 -9.17
C TYR A 55 38.14 11.02 -8.03
N GLU A 56 36.93 11.09 -7.48
CA GLU A 56 36.67 12.00 -6.37
C GLU A 56 37.34 11.55 -5.07
N TYR A 57 37.61 10.26 -4.96
CA TYR A 57 38.24 9.72 -3.75
C TYR A 57 39.75 9.86 -3.77
N THR A 58 40.34 9.75 -4.95
CA THR A 58 41.80 9.82 -5.09
C THR A 58 42.31 11.09 -5.75
N GLY A 59 41.57 11.57 -6.76
CA GLY A 59 42.00 12.75 -7.48
C GLY A 59 42.96 12.28 -8.55
N ASP A 60 43.04 10.97 -8.69
CA ASP A 60 43.89 10.31 -9.67
C ASP A 60 43.26 10.48 -11.06
N GLU A 61 43.94 11.21 -11.93
CA GLU A 61 43.43 11.45 -13.28
C GLU A 61 43.10 10.20 -14.10
N GLN A 62 43.78 9.09 -13.81
CA GLN A 62 43.53 7.86 -14.58
C GLN A 62 42.05 7.50 -14.54
N TYR A 63 41.38 7.84 -13.45
CA TYR A 63 39.96 7.55 -13.30
C TYR A 63 39.13 8.55 -14.12
N ARG A 64 39.46 9.83 -13.98
CA ARG A 64 38.74 10.85 -14.72
C ARG A 64 38.84 10.61 -16.21
N GLU A 65 40.05 10.35 -16.68
CA GLU A 65 40.27 10.11 -18.10
C GLU A 65 39.37 9.00 -18.59
N GLY A 66 39.21 7.97 -17.77
CA GLY A 66 38.35 6.86 -18.14
C GLY A 66 36.90 7.31 -18.19
N ALA A 67 36.49 8.04 -17.17
CA ALA A 67 35.13 8.54 -17.08
C ALA A 67 34.80 9.48 -18.24
N VAL A 68 35.76 10.33 -18.60
CA VAL A 68 35.57 11.28 -19.68
C VAL A 68 35.28 10.52 -20.99
N ARG A 69 36.06 9.47 -21.23
CA ARG A 69 35.86 8.68 -22.44
C ARG A 69 34.46 8.08 -22.46
N THR A 70 33.95 7.65 -21.31
CA THR A 70 32.62 7.06 -21.27
C THR A 70 31.58 8.13 -21.63
N VAL A 71 31.86 9.37 -21.27
CA VAL A 71 30.94 10.46 -21.60
C VAL A 71 30.86 10.64 -23.11
N ALA A 72 32.00 10.53 -23.78
CA ALA A 72 32.03 10.66 -25.22
C ALA A 72 31.23 9.53 -25.86
N SER A 73 31.31 8.36 -25.24
CA SER A 73 30.58 7.19 -25.72
C SER A 73 29.08 7.41 -25.61
N PHE A 74 28.65 8.02 -24.50
CA PHE A 74 27.24 8.29 -24.29
C PHE A 74 26.71 9.36 -25.25
N ARG A 75 27.56 10.28 -25.65
CA ARG A 75 27.19 11.32 -26.61
C ARG A 75 26.86 10.60 -27.91
N GLU A 76 27.76 9.72 -28.33
CA GLU A 76 27.58 8.94 -29.55
C GLU A 76 26.38 8.01 -29.43
N ARG A 77 26.17 7.47 -28.24
CA ARG A 77 25.04 6.57 -28.03
C ARG A 77 23.73 7.32 -28.21
N LEU A 78 23.68 8.55 -27.73
CA LEU A 78 22.48 9.35 -27.85
C LEU A 78 22.32 9.79 -29.31
N ASP A 79 23.42 10.20 -29.93
CA ASP A 79 23.40 10.65 -31.31
C ASP A 79 22.76 9.62 -32.25
N ARG A 80 23.16 8.36 -32.11
CA ARG A 80 22.57 7.33 -32.97
C ARG A 80 21.43 6.63 -32.25
N PHE A 81 20.91 7.28 -31.22
CA PHE A 81 19.80 6.76 -30.43
C PHE A 81 19.83 5.23 -30.35
N GLU A 82 20.91 4.70 -29.80
CA GLU A 82 21.06 3.25 -29.70
C GLU A 82 20.61 2.70 -28.34
N ASN A 83 19.64 1.79 -28.37
CA ASN A 83 19.11 1.17 -27.16
C ASN A 83 18.77 2.21 -26.09
N LEU A 84 17.97 3.20 -26.46
CA LEU A 84 17.58 4.25 -25.53
C LEU A 84 16.07 4.44 -25.46
N ASP A 85 15.34 3.50 -26.04
CA ASP A 85 13.87 3.56 -26.03
C ASP A 85 13.43 2.93 -24.71
N HIS A 86 14.02 3.41 -23.61
CA HIS A 86 13.71 2.87 -22.31
C HIS A 86 13.79 3.93 -21.22
N HIS A 87 13.29 3.58 -20.04
CA HIS A 87 13.28 4.47 -18.88
C HIS A 87 14.68 4.61 -18.28
N ASN A 88 15.53 3.61 -18.52
CA ASN A 88 16.90 3.61 -17.99
C ASN A 88 17.77 4.77 -18.42
N ILE A 89 17.17 5.75 -19.10
CA ILE A 89 17.94 6.89 -19.56
C ILE A 89 18.58 7.57 -18.37
N GLY A 90 17.90 7.50 -17.22
CA GLY A 90 18.42 8.12 -16.02
C GLY A 90 19.61 7.35 -15.47
N PHE A 91 19.49 6.03 -15.40
CA PHE A 91 20.58 5.18 -14.91
C PHE A 91 21.82 5.41 -15.76
N LEU A 92 21.60 5.48 -17.07
CA LEU A 92 22.67 5.65 -18.03
C LEU A 92 23.36 7.01 -18.00
N TYR A 93 22.56 8.07 -18.02
CA TYR A 93 23.13 9.42 -18.06
C TYR A 93 23.33 10.20 -16.78
N SER A 94 22.67 9.81 -15.69
CA SER A 94 22.87 10.53 -14.43
C SER A 94 24.28 10.27 -13.88
N LEU A 95 24.73 9.04 -13.98
CA LEU A 95 26.03 8.65 -13.46
C LEU A 95 27.20 8.93 -14.39
N SER A 96 26.89 9.35 -15.61
CA SER A 96 27.92 9.65 -16.60
C SER A 96 27.97 11.14 -16.95
N ALA A 97 27.06 11.58 -17.82
CA ALA A 97 27.01 12.97 -18.24
C ALA A 97 26.74 13.92 -17.07
N LYS A 98 25.63 13.72 -16.36
CA LYS A 98 25.27 14.56 -15.23
C LYS A 98 26.37 14.55 -14.16
N ALA A 99 27.01 13.40 -13.98
CA ALA A 99 28.07 13.24 -13.00
C ALA A 99 29.22 14.20 -13.29
N GLN A 100 29.64 14.25 -14.54
CA GLN A 100 30.75 15.12 -14.92
C GLN A 100 30.43 16.59 -14.65
N TRP A 101 29.16 16.97 -14.79
CA TRP A 101 28.77 18.35 -14.52
C TRP A 101 28.76 18.58 -13.01
N ILE A 102 28.40 17.53 -12.26
CA ILE A 102 28.36 17.62 -10.81
C ILE A 102 29.79 17.62 -10.29
N VAL A 103 30.67 16.93 -11.01
CA VAL A 103 32.06 16.83 -10.64
C VAL A 103 32.91 18.05 -10.98
N GLU A 104 32.84 18.51 -12.22
CA GLU A 104 33.66 19.64 -12.67
C GLU A 104 32.92 20.72 -13.47
N LYS A 105 31.59 20.68 -13.48
CA LYS A 105 30.82 21.69 -14.20
C LYS A 105 31.16 21.77 -15.69
N ASP A 106 31.23 20.62 -16.35
CA ASP A 106 31.54 20.59 -17.78
C ASP A 106 30.26 20.89 -18.54
N GLU A 107 30.22 22.05 -19.20
CA GLU A 107 29.04 22.48 -19.96
C GLU A 107 28.65 21.46 -21.03
N SER A 108 29.63 20.95 -21.75
CA SER A 108 29.33 19.95 -22.78
C SER A 108 28.63 18.75 -22.17
N ALA A 109 29.05 18.38 -20.97
CA ALA A 109 28.46 17.24 -20.26
C ALA A 109 27.03 17.60 -19.87
N ARG A 110 26.88 18.79 -19.28
CA ARG A 110 25.58 19.29 -18.85
C ARG A 110 24.57 19.19 -19.98
N LYS A 111 24.92 19.73 -21.15
CA LYS A 111 24.01 19.71 -22.30
C LYS A 111 23.71 18.28 -22.73
N LEU A 112 24.70 17.40 -22.66
CA LEU A 112 24.50 16.01 -23.04
C LEU A 112 23.46 15.38 -22.12
N ALA A 113 23.54 15.72 -20.83
CA ALA A 113 22.60 15.21 -19.83
C ALA A 113 21.22 15.80 -20.04
N LEU A 114 21.17 17.08 -20.38
CA LEU A 114 19.89 17.73 -20.61
C LEU A 114 19.25 17.11 -21.84
N ASP A 115 20.05 16.86 -22.88
CA ASP A 115 19.53 16.25 -24.09
C ASP A 115 18.94 14.88 -23.78
N ALA A 116 19.59 14.16 -22.89
CA ALA A 116 19.11 12.84 -22.50
C ALA A 116 17.78 12.99 -21.76
N ALA A 117 17.71 14.00 -20.89
CA ALA A 117 16.49 14.24 -20.14
C ALA A 117 15.31 14.45 -21.10
N ASP A 118 15.57 15.17 -22.19
CA ASP A 118 14.55 15.45 -23.21
C ASP A 118 13.94 14.17 -23.76
N VAL A 119 14.81 13.28 -24.25
CA VAL A 119 14.34 12.02 -24.82
C VAL A 119 13.55 11.19 -23.81
N LEU A 120 13.98 11.25 -22.54
CA LEU A 120 13.31 10.50 -21.48
C LEU A 120 11.95 11.12 -21.19
N MET A 121 11.92 12.45 -21.09
CA MET A 121 10.68 13.17 -20.81
C MET A 121 9.58 12.79 -21.80
N ARG A 122 9.98 12.41 -23.01
CA ARG A 122 9.03 12.02 -24.04
C ARG A 122 8.52 10.59 -23.83
N ARG A 123 9.09 9.90 -22.86
CA ARG A 123 8.68 8.53 -22.54
C ARG A 123 7.40 8.61 -21.71
N TRP A 124 7.03 9.83 -21.33
CA TRP A 124 5.85 10.08 -20.53
C TRP A 124 4.57 10.06 -21.37
N ARG A 125 3.65 9.17 -21.02
CA ARG A 125 2.39 9.06 -21.74
C ARG A 125 1.34 9.86 -20.97
N ALA A 126 1.10 11.09 -21.42
CA ALA A 126 0.14 11.99 -20.78
C ALA A 126 -1.13 11.29 -20.30
N ASP A 127 -1.54 10.26 -21.03
CA ASP A 127 -2.75 9.51 -20.68
C ASP A 127 -2.52 8.51 -19.56
N ALA A 128 -1.60 7.59 -19.76
CA ALA A 128 -1.31 6.60 -18.73
C ALA A 128 -0.93 7.29 -17.42
N GLY A 129 -0.37 8.49 -17.54
CA GLY A 129 0.04 9.25 -16.38
C GLY A 129 1.32 8.71 -15.79
N ILE A 130 2.09 8.00 -16.61
CA ILE A 130 3.34 7.40 -16.15
C ILE A 130 4.41 7.34 -17.24
N ILE A 131 5.66 7.26 -16.81
CA ILE A 131 6.81 7.17 -17.69
C ILE A 131 7.00 5.71 -18.11
N GLN A 132 6.68 5.39 -19.36
CA GLN A 132 6.82 4.02 -19.86
C GLN A 132 8.23 3.51 -19.60
N ALA A 133 8.31 2.39 -18.88
CA ALA A 133 9.59 1.78 -18.53
C ALA A 133 10.32 1.12 -19.70
N TRP A 134 9.75 0.04 -20.23
CA TRP A 134 10.38 -0.69 -21.33
C TRP A 134 9.47 -0.82 -22.55
N GLY A 135 10.08 -1.01 -23.72
CA GLY A 135 9.32 -1.14 -24.95
C GLY A 135 9.08 0.22 -25.59
N PRO A 136 8.53 0.24 -26.82
CA PRO A 136 8.24 1.49 -27.54
C PRO A 136 6.88 2.10 -27.18
N LYS A 137 6.63 3.31 -27.64
CA LYS A 137 5.37 4.00 -27.37
C LYS A 137 4.15 3.20 -27.79
N GLY A 138 3.30 2.84 -26.82
CA GLY A 138 2.10 2.10 -27.11
C GLY A 138 2.30 0.63 -27.44
N ASP A 139 3.42 0.06 -26.98
CA ASP A 139 3.73 -1.34 -27.20
C ASP A 139 2.50 -2.20 -26.90
N PRO A 140 2.29 -3.29 -27.67
CA PRO A 140 1.14 -4.17 -27.46
C PRO A 140 1.16 -4.99 -26.16
N GLU A 141 1.90 -4.52 -25.16
CA GLU A 141 1.98 -5.21 -23.88
C GLU A 141 2.63 -4.36 -22.78
N ASN A 142 3.57 -3.50 -23.16
CA ASN A 142 4.27 -2.67 -22.19
C ASN A 142 3.99 -1.17 -22.31
N GLY A 143 3.06 -0.80 -23.18
CA GLY A 143 2.73 0.61 -23.35
C GLY A 143 2.50 1.33 -22.02
N GLY A 144 1.68 0.71 -21.16
CA GLY A 144 1.39 1.32 -19.88
C GLY A 144 1.89 0.53 -18.68
N ARG A 145 3.19 0.24 -18.66
CA ARG A 145 3.75 -0.51 -17.55
C ARG A 145 4.83 0.28 -16.81
N ILE A 146 4.76 0.30 -15.49
CA ILE A 146 5.75 1.00 -14.69
C ILE A 146 6.49 0.03 -13.79
N ILE A 147 7.80 0.17 -13.74
CA ILE A 147 8.64 -0.70 -12.93
C ILE A 147 9.20 0.16 -11.82
N ILE A 148 9.30 -0.41 -10.61
CA ILE A 148 9.80 0.37 -9.47
C ILE A 148 11.19 0.95 -9.74
N ASP A 149 11.95 0.29 -10.62
CA ASP A 149 13.29 0.75 -10.97
C ASP A 149 13.22 2.19 -11.47
N CYS A 150 12.13 2.52 -12.15
CA CYS A 150 11.95 3.85 -12.71
C CYS A 150 12.15 5.03 -11.76
N LEU A 151 12.01 4.79 -10.46
CA LEU A 151 12.18 5.87 -9.48
C LEU A 151 13.58 6.47 -9.55
N LEU A 152 14.56 5.64 -9.90
CA LEU A 152 15.94 6.08 -9.99
C LEU A 152 16.22 6.84 -11.28
N ASN A 153 15.27 6.80 -12.20
CA ASN A 153 15.41 7.52 -13.47
C ASN A 153 14.83 8.93 -13.37
N LEU A 154 14.09 9.20 -12.30
CA LEU A 154 13.47 10.50 -12.10
C LEU A 154 14.43 11.63 -11.75
N PRO A 155 15.53 11.32 -11.03
CA PRO A 155 16.48 12.38 -10.68
C PRO A 155 17.03 13.13 -11.90
N LEU A 156 17.19 12.42 -13.02
CA LEU A 156 17.71 13.06 -14.23
C LEU A 156 16.70 14.08 -14.75
N LEU A 157 15.42 13.79 -14.56
CA LEU A 157 14.36 14.69 -15.01
C LEU A 157 14.25 15.85 -14.04
N LEU A 158 14.32 15.53 -12.75
CA LEU A 158 14.23 16.54 -11.71
C LEU A 158 15.38 17.53 -11.83
N TRP A 159 16.56 17.00 -12.12
CA TRP A 159 17.76 17.82 -12.28
C TRP A 159 17.61 18.74 -13.50
N ALA A 160 17.14 18.19 -14.61
CA ALA A 160 16.95 18.95 -15.84
C ALA A 160 16.04 20.15 -15.61
N GLY A 161 14.97 19.93 -14.86
CA GLY A 161 14.02 21.00 -14.58
C GLY A 161 14.66 22.15 -13.83
N GLU A 162 15.43 21.83 -12.79
CA GLU A 162 16.10 22.86 -12.01
C GLU A 162 17.13 23.61 -12.86
N GLN A 163 17.69 22.92 -13.84
CA GLN A 163 18.69 23.53 -14.71
C GLN A 163 18.04 24.30 -15.85
N THR A 164 16.82 23.94 -16.21
CA THR A 164 16.10 24.60 -17.30
C THR A 164 14.98 25.48 -16.79
N GLY A 165 14.73 25.42 -15.49
CA GLY A 165 13.66 26.21 -14.92
C GLY A 165 12.32 25.75 -15.46
N ASP A 166 12.36 24.83 -16.43
CA ASP A 166 11.16 24.29 -17.05
C ASP A 166 10.39 23.45 -16.02
N PRO A 167 9.12 23.80 -15.78
CA PRO A 167 8.28 23.06 -14.82
C PRO A 167 7.83 21.68 -15.31
N GLU A 168 7.90 21.47 -16.62
CA GLU A 168 7.50 20.19 -17.22
C GLU A 168 8.07 19.02 -16.43
N TYR A 169 9.39 18.96 -16.37
CA TYR A 169 10.10 17.91 -15.67
C TYR A 169 9.55 17.53 -14.31
N ARG A 170 9.62 18.46 -13.36
CA ARG A 170 9.13 18.21 -12.00
C ARG A 170 7.69 17.68 -11.96
N ARG A 171 6.82 18.27 -12.76
CA ARG A 171 5.42 17.84 -12.80
C ARG A 171 5.33 16.36 -13.15
N VAL A 172 5.99 15.97 -14.24
CA VAL A 172 5.99 14.59 -14.69
C VAL A 172 6.71 13.69 -13.69
N ALA A 173 7.73 14.24 -13.04
CA ALA A 173 8.50 13.50 -12.06
C ALA A 173 7.66 13.12 -10.85
N GLU A 174 7.00 14.11 -10.26
CA GLU A 174 6.17 13.85 -9.09
C GLU A 174 5.00 12.93 -9.46
N ALA A 175 4.38 13.16 -10.62
CA ALA A 175 3.26 12.33 -11.06
C ALA A 175 3.65 10.85 -11.06
N HIS A 176 4.80 10.53 -11.65
CA HIS A 176 5.24 9.15 -11.72
C HIS A 176 5.58 8.54 -10.37
N ALA A 177 6.20 9.34 -9.50
CA ALA A 177 6.59 8.89 -8.17
C ALA A 177 5.40 8.64 -7.26
N LEU A 178 4.38 9.50 -7.36
CA LEU A 178 3.20 9.33 -6.53
C LEU A 178 2.42 8.12 -7.03
N LYS A 179 2.40 7.99 -8.35
CA LYS A 179 1.72 6.89 -9.01
C LYS A 179 2.34 5.56 -8.56
N SER A 180 3.67 5.55 -8.45
CA SER A 180 4.39 4.36 -8.04
C SER A 180 4.08 4.04 -6.59
N ARG A 181 4.11 5.07 -5.76
CA ARG A 181 3.83 4.91 -4.33
C ARG A 181 2.45 4.31 -4.10
N ARG A 182 1.49 4.73 -4.91
CA ARG A 182 0.11 4.24 -4.77
C ARG A 182 -0.08 2.82 -5.26
N PHE A 183 0.52 2.48 -6.40
CA PHE A 183 0.33 1.14 -6.96
C PHE A 183 1.48 0.14 -6.85
N LEU A 184 2.70 0.60 -6.62
CA LEU A 184 3.82 -0.33 -6.50
C LEU A 184 4.08 -0.78 -5.06
N VAL A 185 3.80 0.09 -4.10
CA VAL A 185 4.00 -0.27 -2.70
C VAL A 185 2.72 -0.91 -2.14
N ARG A 186 2.89 -2.00 -1.39
CA ARG A 186 1.75 -2.71 -0.81
C ARG A 186 1.41 -2.24 0.60
N GLY A 187 0.25 -2.67 1.08
CA GLY A 187 -0.20 -2.29 2.41
C GLY A 187 0.63 -2.80 3.58
N ASP A 188 1.42 -3.84 3.36
CA ASP A 188 2.28 -4.38 4.42
C ASP A 188 3.72 -3.87 4.30
N ASP A 189 3.89 -2.84 3.48
CA ASP A 189 5.17 -2.17 3.22
C ASP A 189 6.15 -2.90 2.30
N SER A 190 5.65 -3.94 1.63
CA SER A 190 6.44 -4.69 0.67
C SER A 190 6.18 -3.96 -0.64
N SER A 191 6.56 -4.55 -1.76
CA SER A 191 6.34 -3.88 -3.03
C SER A 191 6.29 -4.81 -4.22
N TYR A 192 5.55 -4.38 -5.23
CA TYR A 192 5.40 -5.09 -6.49
C TYR A 192 6.59 -4.63 -7.31
N HIS A 193 7.01 -5.44 -8.28
CA HIS A 193 8.13 -5.07 -9.13
C HIS A 193 7.64 -4.10 -10.20
N THR A 194 6.55 -4.46 -10.86
CA THR A 194 5.98 -3.63 -11.91
C THR A 194 4.47 -3.56 -11.75
N PHE A 195 3.86 -2.56 -12.39
CA PHE A 195 2.42 -2.41 -12.32
C PHE A 195 1.91 -1.99 -13.71
N TYR A 196 0.80 -2.58 -14.13
CA TYR A 196 0.24 -2.30 -15.43
C TYR A 196 -0.99 -1.38 -15.42
N PHE A 197 -1.00 -0.42 -16.34
CA PHE A 197 -2.14 0.50 -16.48
C PHE A 197 -2.67 0.41 -17.90
N ASP A 198 -3.94 0.77 -18.07
CA ASP A 198 -4.55 0.76 -19.40
C ASP A 198 -3.91 1.92 -20.17
N PRO A 199 -3.32 1.63 -21.34
CA PRO A 199 -2.70 2.70 -22.13
C PRO A 199 -3.69 3.80 -22.53
N GLU A 200 -4.91 3.38 -22.86
CA GLU A 200 -5.95 4.31 -23.30
C GLU A 200 -6.46 5.25 -22.21
N ASN A 201 -7.12 4.70 -21.19
CA ASN A 201 -7.65 5.53 -20.10
C ASN A 201 -6.68 5.74 -18.95
N GLY A 202 -5.77 4.78 -18.76
CA GLY A 202 -4.80 4.89 -17.68
C GLY A 202 -5.24 4.24 -16.39
N ASN A 203 -6.38 3.55 -16.41
CA ASN A 203 -6.86 2.89 -15.22
C ASN A 203 -5.81 1.89 -14.74
N ALA A 204 -5.86 1.56 -13.46
CA ALA A 204 -4.92 0.60 -12.89
C ALA A 204 -5.38 -0.80 -13.24
N ILE A 205 -4.48 -1.61 -13.76
CA ILE A 205 -4.84 -2.98 -14.13
C ILE A 205 -4.38 -3.97 -13.09
N ARG A 206 -3.06 -4.04 -12.86
CA ARG A 206 -2.54 -4.98 -11.89
C ARG A 206 -1.05 -4.78 -11.63
N GLY A 207 -0.55 -5.50 -10.63
CA GLY A 207 0.86 -5.42 -10.28
C GLY A 207 1.44 -6.81 -10.50
N GLY A 208 2.67 -6.87 -10.97
CA GLY A 208 3.28 -8.17 -11.20
C GLY A 208 4.72 -8.06 -11.61
N THR A 209 5.32 -9.19 -11.96
CA THR A 209 6.73 -9.20 -12.35
C THR A 209 7.05 -10.40 -13.22
N HIS A 210 8.20 -10.33 -13.85
CA HIS A 210 8.72 -11.40 -14.70
C HIS A 210 10.12 -11.67 -14.14
N GLN A 211 10.48 -10.91 -13.11
CA GLN A 211 11.79 -11.01 -12.47
C GLN A 211 11.69 -11.47 -11.01
N GLY A 212 10.76 -10.88 -10.26
CA GLY A 212 10.59 -11.29 -8.88
C GLY A 212 10.04 -12.71 -8.89
N ASN A 213 10.07 -13.40 -7.76
CA ASN A 213 9.60 -14.78 -7.69
C ASN A 213 8.18 -14.95 -8.22
N THR A 214 7.22 -14.21 -7.65
CA THR A 214 5.82 -14.24 -8.11
C THR A 214 5.32 -12.80 -8.18
N ASP A 215 4.13 -12.60 -8.73
CA ASP A 215 3.57 -11.26 -8.81
C ASP A 215 3.37 -10.67 -7.42
N GLY A 216 3.04 -11.52 -6.47
CA GLY A 216 2.80 -11.05 -5.11
C GLY A 216 3.98 -11.16 -4.15
N SER A 217 5.14 -11.52 -4.67
CA SER A 217 6.33 -11.66 -3.83
C SER A 217 7.05 -10.34 -3.65
N THR A 218 8.15 -10.38 -2.92
CA THR A 218 8.94 -9.19 -2.71
C THR A 218 10.37 -9.43 -3.17
N TRP A 219 10.63 -8.98 -4.39
CA TRP A 219 11.95 -9.09 -5.01
C TRP A 219 12.81 -8.09 -4.24
N THR A 220 13.89 -8.55 -3.62
CA THR A 220 14.73 -7.65 -2.80
C THR A 220 15.32 -6.44 -3.52
N ARG A 221 15.78 -6.60 -4.75
CA ARG A 221 16.33 -5.44 -5.44
C ARG A 221 15.21 -4.42 -5.69
N GLY A 222 14.00 -4.92 -5.94
CA GLY A 222 12.87 -4.04 -6.16
C GLY A 222 12.57 -3.25 -4.90
N GLN A 223 12.59 -3.92 -3.76
CA GLN A 223 12.34 -3.25 -2.48
C GLN A 223 13.43 -2.19 -2.29
N ALA A 224 14.65 -2.53 -2.72
CA ALA A 224 15.79 -1.63 -2.61
C ALA A 224 15.63 -0.40 -3.51
N TRP A 225 15.19 -0.59 -4.74
CA TRP A 225 14.98 0.54 -5.66
C TRP A 225 13.95 1.48 -5.01
N GLY A 226 12.96 0.90 -4.36
CA GLY A 226 11.94 1.70 -3.73
C GLY A 226 12.49 2.50 -2.57
N ILE A 227 13.26 1.84 -1.71
CA ILE A 227 13.84 2.51 -0.57
C ILE A 227 14.68 3.70 -1.01
N TYR A 228 15.64 3.47 -1.92
CA TYR A 228 16.48 4.57 -2.37
C TYR A 228 15.71 5.50 -3.29
N GLY A 229 14.94 4.93 -4.20
CA GLY A 229 14.17 5.73 -5.14
C GLY A 229 13.24 6.74 -4.49
N PHE A 230 12.38 6.29 -3.59
CA PHE A 230 11.45 7.18 -2.91
C PHE A 230 12.20 8.23 -2.09
N ALA A 231 13.31 7.83 -1.47
CA ALA A 231 14.09 8.77 -0.68
C ALA A 231 14.69 9.83 -1.59
N LEU A 232 15.18 9.43 -2.75
CA LEU A 232 15.76 10.39 -3.69
C LEU A 232 14.69 11.37 -4.17
N ASN A 233 13.52 10.85 -4.51
CA ASN A 233 12.43 11.69 -4.98
C ASN A 233 11.93 12.61 -3.87
N SER A 234 12.04 12.16 -2.63
CA SER A 234 11.59 12.98 -1.50
C SER A 234 12.49 14.21 -1.37
N ARG A 235 13.77 14.05 -1.68
CA ARG A 235 14.69 15.17 -1.59
C ARG A 235 14.35 16.24 -2.62
N TYR A 236 14.27 15.85 -3.88
CA TYR A 236 13.95 16.80 -4.93
C TYR A 236 12.58 17.47 -4.73
N LEU A 237 11.57 16.67 -4.46
CA LEU A 237 10.20 17.17 -4.33
C LEU A 237 9.79 17.69 -2.95
N GLY A 238 10.66 17.55 -1.95
CA GLY A 238 10.30 18.00 -0.62
C GLY A 238 8.97 17.38 -0.27
N ASN A 239 8.84 16.09 -0.59
CA ASN A 239 7.61 15.37 -0.34
C ASN A 239 7.73 14.44 0.86
N ALA A 240 7.07 14.80 1.96
CA ALA A 240 7.12 14.01 3.17
C ALA A 240 6.51 12.60 3.08
N ASP A 241 5.50 12.41 2.24
CA ASP A 241 4.87 11.09 2.12
C ASP A 241 5.82 10.11 1.44
N LEU A 242 6.57 10.61 0.44
CA LEU A 242 7.52 9.78 -0.27
C LEU A 242 8.63 9.37 0.69
N LEU A 243 8.99 10.27 1.61
CA LEU A 243 10.02 9.98 2.60
C LEU A 243 9.51 8.93 3.57
N GLU A 244 8.24 9.03 3.95
CA GLU A 244 7.63 8.08 4.87
C GLU A 244 7.61 6.70 4.22
N THR A 245 7.23 6.64 2.95
CA THR A 245 7.15 5.38 2.22
C THR A 245 8.53 4.73 2.20
N ALA A 246 9.56 5.55 1.99
CA ALA A 246 10.93 5.06 1.97
C ALA A 246 11.27 4.40 3.30
N LYS A 247 10.87 5.05 4.38
CA LYS A 247 11.14 4.53 5.72
C LYS A 247 10.40 3.24 5.98
N ARG A 248 9.14 3.18 5.52
CA ARG A 248 8.36 1.97 5.71
C ARG A 248 9.04 0.79 5.00
N MET A 249 9.39 1.00 3.73
CA MET A 249 10.05 -0.05 2.95
C MET A 249 11.39 -0.45 3.57
N ALA A 250 12.10 0.52 4.13
CA ALA A 250 13.38 0.24 4.76
C ALA A 250 13.20 -0.69 5.96
N ARG A 251 12.23 -0.39 6.81
CA ARG A 251 11.99 -1.22 7.99
C ARG A 251 11.53 -2.63 7.61
N HIS A 252 10.75 -2.74 6.53
CA HIS A 252 10.28 -4.04 6.05
C HIS A 252 11.48 -4.87 5.60
N PHE A 253 12.39 -4.22 4.88
CA PHE A 253 13.59 -4.85 4.35
C PHE A 253 14.47 -5.33 5.51
N LEU A 254 14.82 -4.40 6.40
CA LEU A 254 15.67 -4.70 7.55
C LEU A 254 15.18 -5.85 8.43
N ALA A 255 13.87 -5.97 8.58
CA ALA A 255 13.32 -7.02 9.41
C ALA A 255 13.50 -8.39 8.78
N ARG A 256 13.88 -8.42 7.51
CA ARG A 256 14.05 -9.69 6.81
C ARG A 256 15.47 -9.98 6.37
N VAL A 257 16.44 -9.28 6.96
CA VAL A 257 17.84 -9.51 6.63
C VAL A 257 18.29 -10.81 7.29
N PRO A 258 18.90 -11.73 6.53
CA PRO A 258 19.39 -13.02 7.03
C PRO A 258 20.55 -12.88 8.00
N GLU A 259 20.91 -14.01 8.61
CA GLU A 259 22.00 -14.04 9.58
C GLU A 259 23.32 -13.37 9.17
N ASP A 260 23.78 -13.60 7.95
CA ASP A 260 25.05 -12.98 7.55
C ASP A 260 24.95 -11.51 7.15
N GLY A 261 23.75 -10.94 7.26
CA GLY A 261 23.58 -9.53 6.94
C GLY A 261 23.30 -9.14 5.50
N VAL A 262 23.30 -10.11 4.58
CA VAL A 262 23.05 -9.82 3.17
C VAL A 262 21.83 -10.62 2.73
N VAL A 263 20.94 -9.98 1.99
CA VAL A 263 19.69 -10.62 1.58
C VAL A 263 19.69 -11.65 0.46
N TYR A 264 18.65 -12.47 0.46
CA TYR A 264 18.45 -13.47 -0.58
C TYR A 264 17.82 -12.68 -1.71
N TRP A 265 17.72 -13.26 -2.89
CA TRP A 265 17.17 -12.53 -4.04
C TRP A 265 15.69 -12.13 -3.94
N ASP A 266 14.92 -12.83 -3.10
CA ASP A 266 13.50 -12.55 -2.92
C ASP A 266 13.15 -12.93 -1.48
N PHE A 267 12.25 -12.19 -0.85
CA PHE A 267 11.87 -12.47 0.53
C PHE A 267 10.89 -13.64 0.70
N GLU A 268 10.24 -14.06 -0.37
CA GLU A 268 9.27 -15.15 -0.27
C GLU A 268 9.76 -16.55 -0.65
N VAL A 269 10.99 -16.66 -1.12
CA VAL A 269 11.53 -17.98 -1.45
C VAL A 269 12.17 -18.49 -0.15
N PRO A 270 12.60 -19.76 -0.11
CA PRO A 270 13.23 -20.28 1.12
C PRO A 270 14.40 -19.43 1.60
N GLN A 271 14.25 -18.87 2.80
CA GLN A 271 15.30 -18.04 3.37
C GLN A 271 16.38 -18.87 4.03
N GLU A 272 17.11 -19.62 3.21
CA GLU A 272 18.18 -20.48 3.67
C GLU A 272 19.31 -20.53 2.64
N PRO A 273 20.53 -20.83 3.09
CA PRO A 273 21.74 -20.92 2.27
C PRO A 273 21.66 -21.49 0.84
N SER A 274 20.72 -22.39 0.58
CA SER A 274 20.62 -22.96 -0.77
C SER A 274 20.02 -21.99 -1.77
N SER A 275 19.29 -20.99 -1.28
CA SER A 275 18.68 -20.01 -2.16
C SER A 275 19.71 -18.98 -2.62
N TYR A 276 19.51 -18.41 -3.81
CA TYR A 276 20.44 -17.40 -4.29
C TYR A 276 20.30 -16.09 -3.52
N ARG A 277 21.38 -15.32 -3.51
CA ARG A 277 21.43 -14.04 -2.83
C ARG A 277 21.37 -12.90 -3.83
N ASP A 278 21.33 -11.68 -3.32
CA ASP A 278 21.44 -10.50 -4.17
C ASP A 278 22.15 -9.41 -3.39
N SER A 279 23.48 -9.47 -3.41
CA SER A 279 24.30 -8.48 -2.70
C SER A 279 24.03 -7.07 -3.20
N SER A 280 23.57 -6.93 -4.45
CA SER A 280 23.30 -5.60 -4.99
C SER A 280 22.10 -4.95 -4.28
N ALA A 281 21.14 -5.76 -3.85
CA ALA A 281 19.97 -5.22 -3.14
C ALA A 281 20.41 -4.66 -1.78
N SER A 282 21.32 -5.37 -1.11
CA SER A 282 21.81 -4.89 0.17
C SER A 282 22.61 -3.60 -0.05
N ALA A 283 23.39 -3.56 -1.12
CA ALA A 283 24.20 -2.38 -1.42
C ALA A 283 23.31 -1.17 -1.72
N ILE A 284 22.27 -1.38 -2.51
CA ILE A 284 21.35 -0.31 -2.84
C ILE A 284 20.69 0.23 -1.59
N THR A 285 20.29 -0.69 -0.70
CA THR A 285 19.63 -0.30 0.54
C THR A 285 20.55 0.49 1.47
N ALA A 286 21.83 0.13 1.52
CA ALA A 286 22.77 0.85 2.36
C ALA A 286 22.76 2.33 1.94
N CYS A 287 22.82 2.58 0.64
CA CYS A 287 22.78 3.94 0.12
C CYS A 287 21.45 4.58 0.47
N GLY A 288 20.36 3.85 0.23
CA GLY A 288 19.04 4.35 0.53
C GLY A 288 18.83 4.68 1.99
N LEU A 289 19.40 3.86 2.87
CA LEU A 289 19.28 4.10 4.30
C LEU A 289 19.97 5.42 4.64
N LEU A 290 21.15 5.63 4.07
CA LEU A 290 21.89 6.86 4.31
C LEU A 290 21.17 8.07 3.71
N GLU A 291 20.53 7.88 2.56
CA GLU A 291 19.79 8.98 1.94
C GLU A 291 18.64 9.38 2.85
N ILE A 292 17.94 8.38 3.38
CA ILE A 292 16.82 8.62 4.29
C ILE A 292 17.27 9.42 5.50
N ALA A 293 18.28 8.91 6.20
CA ALA A 293 18.80 9.57 7.39
C ALA A 293 19.19 11.02 7.13
N SER A 294 19.83 11.27 6.00
CA SER A 294 20.26 12.63 5.66
C SER A 294 19.10 13.63 5.57
N GLN A 295 17.88 13.11 5.44
CA GLN A 295 16.69 13.97 5.34
C GLN A 295 15.99 14.10 6.70
N LEU A 296 16.52 13.42 7.71
CA LEU A 296 15.93 13.46 9.04
C LEU A 296 16.67 14.39 10.00
N ASP A 297 15.96 14.87 11.03
CA ASP A 297 16.56 15.75 12.01
C ASP A 297 17.28 14.89 13.07
N GLU A 298 18.37 15.44 13.62
CA GLU A 298 19.17 14.75 14.62
C GLU A 298 18.37 14.29 15.84
N SER A 299 17.35 15.06 16.18
CA SER A 299 16.50 14.72 17.33
C SER A 299 15.77 13.43 17.06
N ASP A 300 15.58 13.10 15.78
CA ASP A 300 14.90 11.87 15.41
C ASP A 300 15.83 10.69 15.68
N PRO A 301 15.56 9.92 16.76
CA PRO A 301 16.38 8.77 17.11
C PRO A 301 16.45 7.69 16.04
N GLU A 302 15.55 7.76 15.05
CA GLU A 302 15.55 6.77 14.00
C GLU A 302 16.64 7.07 12.96
N ARG A 303 17.08 8.33 12.93
CA ARG A 303 18.11 8.75 12.01
C ARG A 303 19.38 7.93 12.24
N GLN A 304 19.83 7.86 13.50
CA GLN A 304 21.04 7.10 13.80
C GLN A 304 20.81 5.61 13.61
N ARG A 305 19.57 5.16 13.77
CA ARG A 305 19.28 3.74 13.58
C ARG A 305 19.51 3.37 12.13
N PHE A 306 19.10 4.24 11.21
CA PHE A 306 19.29 3.96 9.80
C PHE A 306 20.76 4.12 9.40
N ILE A 307 21.45 5.07 10.03
CA ILE A 307 22.86 5.27 9.73
C ILE A 307 23.61 4.01 10.14
N ASP A 308 23.29 3.50 11.32
CA ASP A 308 23.93 2.29 11.82
C ASP A 308 23.52 1.04 11.03
N ALA A 309 22.27 1.01 10.56
CA ALA A 309 21.81 -0.12 9.77
C ALA A 309 22.64 -0.13 8.49
N ALA A 310 22.90 1.06 7.96
CA ALA A 310 23.69 1.21 6.75
C ALA A 310 25.12 0.72 6.98
N LYS A 311 25.72 1.17 8.09
CA LYS A 311 27.09 0.77 8.42
C LYS A 311 27.18 -0.74 8.57
N THR A 312 26.18 -1.33 9.24
CA THR A 312 26.13 -2.77 9.47
C THR A 312 26.04 -3.53 8.14
N THR A 313 25.23 -3.02 7.23
CA THR A 313 25.06 -3.65 5.92
C THR A 313 26.37 -3.65 5.15
N VAL A 314 27.01 -2.48 5.07
CA VAL A 314 28.26 -2.36 4.34
C VAL A 314 29.33 -3.25 4.94
N THR A 315 29.38 -3.33 6.27
CA THR A 315 30.37 -4.18 6.91
C THR A 315 30.09 -5.63 6.58
N ALA A 316 28.80 -5.97 6.48
CA ALA A 316 28.39 -7.35 6.15
C ALA A 316 28.79 -7.73 4.74
N LEU A 317 28.65 -6.78 3.82
CA LEU A 317 29.01 -6.98 2.42
C LEU A 317 30.52 -7.18 2.33
N ARG A 318 31.25 -6.31 3.01
CA ARG A 318 32.72 -6.37 3.04
C ARG A 318 33.23 -7.73 3.53
N ASP A 319 32.80 -8.12 4.73
CA ASP A 319 33.23 -9.37 5.36
C ASP A 319 32.91 -10.67 4.64
N GLY A 320 31.69 -10.80 4.13
CA GLY A 320 31.33 -12.05 3.49
C GLY A 320 31.16 -12.07 1.99
N TYR A 321 31.23 -10.91 1.34
CA TYR A 321 31.02 -10.87 -0.10
C TYR A 321 32.03 -10.08 -0.92
N ALA A 322 32.80 -9.22 -0.28
CA ALA A 322 33.77 -8.41 -0.99
C ALA A 322 35.01 -9.15 -1.46
N GLU A 323 35.46 -8.80 -2.66
CA GLU A 323 36.64 -9.40 -3.27
C GLU A 323 37.88 -8.60 -2.89
N ARG A 324 39.00 -9.28 -2.69
CA ARG A 324 40.23 -8.59 -2.39
C ARG A 324 40.81 -8.24 -3.75
N ASP A 325 41.61 -7.19 -3.81
CA ASP A 325 42.25 -6.84 -5.07
C ASP A 325 43.39 -7.85 -5.18
N ASP A 326 43.09 -9.02 -5.72
CA ASP A 326 44.07 -10.09 -5.86
C ASP A 326 44.72 -10.10 -7.24
N GLY A 327 44.55 -9.00 -7.98
CA GLY A 327 45.10 -8.90 -9.31
C GLY A 327 44.31 -9.61 -10.39
N GLU A 328 43.26 -10.33 -10.02
CA GLU A 328 42.45 -11.07 -10.99
C GLU A 328 40.96 -10.76 -10.93
N ALA A 329 40.40 -10.74 -9.72
CA ALA A 329 38.97 -10.48 -9.55
C ALA A 329 38.61 -9.13 -10.14
N GLU A 330 37.49 -9.06 -10.84
CA GLU A 330 37.07 -7.81 -11.46
C GLU A 330 35.84 -7.14 -10.85
N GLY A 331 35.27 -7.77 -9.83
CA GLY A 331 34.08 -7.22 -9.18
C GLY A 331 34.35 -6.82 -7.74
N PHE A 332 33.56 -5.88 -7.21
CA PHE A 332 33.71 -5.41 -5.84
C PHE A 332 33.12 -6.42 -4.85
N ILE A 333 31.91 -6.88 -5.13
CA ILE A 333 31.21 -7.83 -4.27
C ILE A 333 30.59 -9.01 -5.01
N ARG A 334 30.70 -10.18 -4.39
CA ARG A 334 30.20 -11.41 -4.95
C ARG A 334 28.72 -11.60 -4.66
N ARG A 335 28.17 -12.64 -5.28
CA ARG A 335 26.79 -13.04 -5.09
C ARG A 335 25.67 -12.05 -5.35
N GLY A 336 25.79 -11.32 -6.45
CA GLY A 336 24.71 -10.43 -6.84
C GLY A 336 23.91 -11.38 -7.73
N SER A 337 22.73 -10.96 -8.18
CA SER A 337 21.96 -11.80 -9.08
C SER A 337 21.24 -10.90 -10.06
N TYR A 338 21.31 -11.26 -11.34
CA TYR A 338 20.66 -10.47 -12.38
C TYR A 338 19.22 -10.94 -12.54
N HIS A 339 19.06 -12.15 -13.08
CA HIS A 339 17.75 -12.77 -13.29
C HIS A 339 17.72 -14.21 -12.78
N VAL A 340 17.52 -14.40 -11.48
CA VAL A 340 17.46 -15.77 -10.93
C VAL A 340 16.40 -16.54 -11.70
N ARG A 341 15.28 -15.88 -11.96
CA ARG A 341 14.17 -16.47 -12.71
C ARG A 341 14.65 -16.35 -14.14
N GLY A 342 15.29 -17.42 -14.62
CA GLY A 342 15.83 -17.44 -15.96
C GLY A 342 17.24 -18.01 -15.92
N GLY A 343 17.78 -18.12 -14.72
CA GLY A 343 19.12 -18.66 -14.54
C GLY A 343 20.19 -17.81 -15.17
N ILE A 344 19.93 -16.51 -15.25
CA ILE A 344 20.87 -15.58 -15.84
C ILE A 344 21.69 -14.85 -14.79
N SER A 345 22.97 -15.21 -14.68
CA SER A 345 23.88 -14.63 -13.70
C SER A 345 23.24 -14.53 -12.32
N PRO A 346 22.80 -15.68 -11.77
CA PRO A 346 22.15 -15.75 -10.46
C PRO A 346 23.07 -15.68 -9.24
N ASP A 347 24.38 -15.67 -9.47
CA ASP A 347 25.36 -15.64 -8.38
C ASP A 347 26.61 -15.05 -8.99
N ASP A 348 26.57 -13.75 -9.23
CA ASP A 348 27.66 -13.06 -9.91
C ASP A 348 27.85 -11.60 -9.55
N TYR A 349 28.82 -10.99 -10.21
CA TYR A 349 29.07 -9.59 -10.00
C TYR A 349 27.96 -8.88 -10.78
N THR A 350 27.57 -7.71 -10.31
CA THR A 350 26.59 -6.90 -11.02
C THR A 350 27.22 -5.52 -10.92
N ILE A 351 27.38 -4.84 -12.04
CA ILE A 351 28.02 -3.52 -12.02
C ILE A 351 27.24 -2.52 -11.16
N TRP A 352 25.93 -2.69 -11.07
CA TRP A 352 25.14 -1.78 -10.23
C TRP A 352 25.40 -2.07 -8.76
N GLY A 353 25.56 -3.34 -8.41
CA GLY A 353 25.85 -3.70 -7.04
C GLY A 353 27.17 -3.04 -6.64
N ASP A 354 28.14 -3.12 -7.53
CA ASP A 354 29.46 -2.53 -7.27
C ASP A 354 29.34 -1.02 -7.07
N TYR A 355 28.60 -0.35 -7.93
CA TYR A 355 28.44 1.08 -7.83
C TYR A 355 27.83 1.51 -6.49
N TYR A 356 26.70 0.90 -6.12
CA TYR A 356 26.05 1.27 -4.88
C TYR A 356 26.92 0.92 -3.67
N TYR A 357 27.62 -0.19 -3.76
CA TYR A 357 28.49 -0.61 -2.68
C TYR A 357 29.59 0.45 -2.53
N LEU A 358 30.11 0.95 -3.65
CA LEU A 358 31.15 1.97 -3.59
C LEU A 358 30.56 3.32 -3.15
N GLU A 359 29.36 3.65 -3.62
CA GLU A 359 28.72 4.92 -3.27
C GLU A 359 28.50 4.97 -1.76
N ALA A 360 28.11 3.83 -1.19
CA ALA A 360 27.88 3.74 0.25
C ALA A 360 29.18 4.02 0.98
N LEU A 361 30.26 3.41 0.50
CA LEU A 361 31.58 3.59 1.10
C LEU A 361 32.03 5.04 1.06
N LEU A 362 31.96 5.67 -0.11
CA LEU A 362 32.38 7.06 -0.25
C LEU A 362 31.48 7.99 0.55
N ARG A 363 30.23 7.59 0.73
CA ARG A 363 29.28 8.38 1.49
C ARG A 363 29.64 8.26 2.97
N LEU A 364 29.99 7.05 3.39
CA LEU A 364 30.35 6.79 4.77
C LEU A 364 31.73 7.34 5.14
N GLU A 365 32.68 7.22 4.22
CA GLU A 365 34.06 7.68 4.45
C GLU A 365 34.33 9.15 4.14
N ARG A 366 33.74 9.66 3.06
CA ARG A 366 33.98 11.05 2.66
C ARG A 366 32.72 11.92 2.67
N GLY A 367 31.55 11.29 2.67
CA GLY A 367 30.32 12.06 2.65
C GLY A 367 29.92 12.36 1.23
N VAL A 368 30.57 11.68 0.28
CA VAL A 368 30.26 11.86 -1.13
C VAL A 368 28.91 11.19 -1.38
N THR A 369 28.01 11.86 -2.10
CA THR A 369 26.67 11.33 -2.32
C THR A 369 26.26 10.82 -3.71
N GLY A 370 27.21 10.47 -4.55
CA GLY A 370 26.82 9.98 -5.87
C GLY A 370 26.41 11.10 -6.80
N TYR A 371 25.71 10.77 -7.86
CA TYR A 371 25.33 11.78 -8.84
C TYR A 371 23.84 11.82 -9.16
N TRP A 372 23.01 11.65 -8.14
CA TRP A 372 21.56 11.69 -8.32
C TRP A 372 21.03 13.11 -8.17
N TYR A 373 21.84 13.98 -7.56
CA TYR A 373 21.45 15.36 -7.36
C TYR A 373 22.67 16.20 -7.04
N GLU A 374 22.58 17.51 -7.27
CA GLU A 374 23.67 18.43 -7.02
C GLU A 374 24.10 18.35 -5.55
N ARG A 375 25.37 18.05 -5.32
CA ARG A 375 25.88 17.92 -3.98
C ARG A 375 25.44 19.07 -3.09
N GLY A 376 24.58 18.76 -2.13
CA GLY A 376 24.07 19.77 -1.22
C GLY A 376 22.73 20.30 -1.67
N ARG A 377 21.81 19.40 -1.97
CA ARG A 377 20.47 19.77 -2.42
C ARG A 377 19.50 19.61 -1.24
N MET B 1 -24.53 16.43 24.66
CA MET B 1 -24.23 17.16 23.39
C MET B 1 -24.81 16.44 22.18
N TRP B 2 -25.25 15.20 22.39
CA TRP B 2 -25.78 14.38 21.30
C TRP B 2 -27.20 13.88 21.55
N GLN B 3 -27.81 14.34 22.64
CA GLN B 3 -29.15 13.91 23.01
C GLN B 3 -30.23 14.24 21.98
N GLN B 4 -30.13 15.38 21.33
CA GLN B 4 -31.12 15.77 20.33
C GLN B 4 -30.99 14.91 19.08
N ALA B 5 -29.75 14.59 18.73
CA ALA B 5 -29.49 13.76 17.56
C ALA B 5 -30.07 12.38 17.82
N ILE B 6 -29.75 11.83 18.99
CA ILE B 6 -30.24 10.53 19.37
C ILE B 6 -31.76 10.58 19.46
N GLY B 7 -32.28 11.68 19.98
CA GLY B 7 -33.71 11.85 20.11
C GLY B 7 -34.46 11.61 18.82
N ASP B 8 -34.00 12.22 17.72
CA ASP B 8 -34.68 12.02 16.45
C ASP B 8 -34.62 10.57 16.00
N ALA B 9 -33.45 9.95 16.15
CA ALA B 9 -33.27 8.55 15.76
C ALA B 9 -34.24 7.66 16.53
N LEU B 10 -34.42 7.95 17.81
CA LEU B 10 -35.32 7.16 18.65
C LEU B 10 -36.75 7.33 18.14
N GLY B 11 -37.14 8.57 17.86
CA GLY B 11 -38.48 8.82 17.36
C GLY B 11 -38.72 8.11 16.06
N ILE B 12 -37.79 8.26 15.12
CA ILE B 12 -37.89 7.62 13.81
C ILE B 12 -38.00 6.11 13.93
N THR B 13 -37.18 5.50 14.76
CA THR B 13 -37.21 4.06 14.93
C THR B 13 -38.56 3.58 15.48
N ALA B 14 -39.06 4.27 16.50
CA ALA B 14 -40.35 3.91 17.09
C ALA B 14 -41.41 3.87 15.99
N ARG B 15 -41.50 4.94 15.21
CA ARG B 15 -42.47 5.02 14.14
C ARG B 15 -42.23 3.89 13.14
N ASN B 16 -40.96 3.68 12.79
CA ASN B 16 -40.60 2.63 11.84
C ASN B 16 -41.02 1.24 12.29
N LEU B 17 -40.74 0.92 13.55
CA LEU B 17 -41.07 -0.39 14.08
C LEU B 17 -42.56 -0.67 13.92
N LYS B 18 -43.38 0.32 14.23
CA LYS B 18 -44.83 0.17 14.10
C LYS B 18 -45.25 0.07 12.64
N LYS B 19 -44.48 0.67 11.74
CA LYS B 19 -44.80 0.65 10.32
C LYS B 19 -44.33 -0.59 9.56
N PHE B 20 -43.06 -0.99 9.76
CA PHE B 20 -42.49 -2.13 9.04
C PHE B 20 -43.00 -3.52 9.41
N GLY B 21 -43.60 -3.65 10.59
CA GLY B 21 -44.09 -4.95 11.00
C GLY B 21 -42.91 -5.89 11.23
N ASP B 22 -42.87 -7.00 10.52
CA ASP B 22 -41.77 -7.95 10.68
C ASP B 22 -40.74 -7.80 9.55
N ARG B 23 -40.97 -6.86 8.65
CA ARG B 23 -40.06 -6.66 7.53
C ARG B 23 -38.85 -5.80 7.90
N PHE B 24 -37.82 -5.84 7.06
CA PHE B 24 -36.56 -5.12 7.30
C PHE B 24 -36.27 -4.02 6.30
N PRO B 25 -35.73 -2.89 6.77
CA PRO B 25 -35.41 -1.78 5.88
C PRO B 25 -34.02 -2.02 5.27
N HIS B 26 -33.83 -1.60 4.02
CA HIS B 26 -32.55 -1.79 3.34
C HIS B 26 -31.98 -0.40 2.96
N VAL B 27 -32.63 0.24 1.99
CA VAL B 27 -32.26 1.58 1.53
C VAL B 27 -33.52 2.26 0.98
N SER B 28 -33.49 3.58 0.87
CA SER B 28 -34.62 4.29 0.28
C SER B 28 -34.31 4.35 -1.21
N ASP B 29 -35.25 4.83 -2.01
CA ASP B 29 -35.03 4.93 -3.45
C ASP B 29 -35.79 6.09 -4.04
N GLY B 30 -35.34 7.31 -3.75
CA GLY B 30 -35.99 8.49 -4.29
C GLY B 30 -36.92 9.21 -3.33
N SER B 31 -37.09 8.67 -2.13
CA SER B 31 -37.98 9.30 -1.16
C SER B 31 -37.50 9.09 0.26
N ASN B 32 -38.28 9.60 1.21
CA ASN B 32 -37.94 9.46 2.63
C ASN B 32 -38.50 8.19 3.23
N LYS B 33 -38.81 7.22 2.36
CA LYS B 33 -39.37 5.93 2.78
C LYS B 33 -38.39 4.79 2.45
N TYR B 34 -38.25 3.85 3.36
CA TYR B 34 -37.37 2.69 3.14
C TYR B 34 -38.07 1.64 2.28
N VAL B 35 -37.27 0.88 1.54
CA VAL B 35 -37.78 -0.21 0.73
C VAL B 35 -37.49 -1.42 1.62
N LEU B 36 -38.52 -2.18 1.96
CA LEU B 36 -38.36 -3.33 2.85
C LEU B 36 -38.20 -4.69 2.18
N ASN B 37 -37.67 -5.64 2.95
CA ASN B 37 -37.47 -7.00 2.47
C ASN B 37 -37.81 -7.95 3.61
N ASP B 38 -38.04 -9.22 3.30
CA ASP B 38 -38.39 -10.19 4.33
C ASP B 38 -37.15 -10.95 4.85
N ASN B 39 -36.15 -10.19 5.27
CA ASN B 39 -34.90 -10.72 5.79
C ASN B 39 -34.20 -11.58 4.74
N THR B 40 -33.87 -10.95 3.61
CA THR B 40 -33.22 -11.64 2.49
C THR B 40 -31.96 -10.96 1.94
N ASP B 41 -31.54 -9.86 2.55
CA ASP B 41 -30.36 -9.15 2.06
C ASP B 41 -29.17 -9.30 3.03
N TRP B 42 -28.08 -8.58 2.76
CA TRP B 42 -26.90 -8.64 3.63
C TRP B 42 -26.97 -7.58 4.72
N THR B 43 -27.95 -6.70 4.61
CA THR B 43 -28.13 -5.57 5.51
C THR B 43 -29.16 -5.71 6.64
N ASP B 44 -29.89 -6.83 6.65
CA ASP B 44 -30.91 -7.02 7.66
C ASP B 44 -30.48 -6.88 9.10
N GLY B 45 -29.24 -7.25 9.41
CA GLY B 45 -28.76 -7.15 10.77
C GLY B 45 -28.62 -5.73 11.30
N PHE B 46 -28.48 -4.77 10.40
CA PHE B 46 -28.33 -3.38 10.82
C PHE B 46 -29.60 -2.85 11.49
N TRP B 47 -30.74 -3.41 11.10
CA TRP B 47 -32.04 -3.05 11.69
C TRP B 47 -32.06 -3.56 13.13
N SER B 48 -31.59 -4.78 13.32
CA SER B 48 -31.51 -5.39 14.66
C SER B 48 -30.57 -4.53 15.51
N GLY B 49 -29.41 -4.23 14.94
CA GLY B 49 -28.44 -3.41 15.64
C GLY B 49 -29.03 -2.11 16.12
N ILE B 50 -29.78 -1.44 15.25
CA ILE B 50 -30.42 -0.17 15.60
C ILE B 50 -31.43 -0.38 16.72
N LEU B 51 -32.22 -1.43 16.61
CA LEU B 51 -33.23 -1.74 17.63
C LEU B 51 -32.55 -1.99 18.98
N TRP B 52 -31.47 -2.77 18.97
CA TRP B 52 -30.75 -3.05 20.21
C TRP B 52 -30.10 -1.80 20.77
N LEU B 53 -29.54 -0.96 19.90
CA LEU B 53 -28.91 0.28 20.36
C LEU B 53 -29.95 1.17 21.01
N CYS B 54 -31.12 1.25 20.37
CA CYS B 54 -32.21 2.07 20.89
C CYS B 54 -32.65 1.56 22.26
N TYR B 55 -32.68 0.24 22.42
CA TYR B 55 -33.06 -0.37 23.69
C TYR B 55 -32.05 -0.05 24.78
N GLU B 56 -30.77 -0.18 24.46
CA GLU B 56 -29.72 0.10 25.44
C GLU B 56 -29.73 1.53 25.95
N TYR B 57 -30.07 2.46 25.06
CA TYR B 57 -30.08 3.86 25.43
C TYR B 57 -31.31 4.27 26.25
N THR B 58 -32.47 3.70 25.91
CA THR B 58 -33.70 4.05 26.59
C THR B 58 -34.21 3.06 27.63
N GLY B 59 -34.15 1.78 27.31
CA GLY B 59 -34.67 0.77 28.23
C GLY B 59 -36.12 0.52 27.85
N ASP B 60 -36.56 1.17 26.78
CA ASP B 60 -37.93 1.04 26.28
C ASP B 60 -38.10 -0.35 25.69
N GLU B 61 -39.06 -1.11 26.22
CA GLU B 61 -39.31 -2.47 25.76
C GLU B 61 -39.75 -2.58 24.31
N GLN B 62 -40.32 -1.52 23.75
CA GLN B 62 -40.75 -1.60 22.36
C GLN B 62 -39.55 -1.93 21.46
N TYR B 63 -38.38 -1.41 21.79
CA TYR B 63 -37.17 -1.67 21.00
C TYR B 63 -36.68 -3.10 21.19
N ARG B 64 -36.67 -3.57 22.43
CA ARG B 64 -36.23 -4.93 22.70
C ARG B 64 -37.16 -5.94 22.03
N GLU B 65 -38.46 -5.76 22.20
CA GLU B 65 -39.42 -6.67 21.59
C GLU B 65 -39.19 -6.78 20.09
N GLY B 66 -38.92 -5.64 19.47
CA GLY B 66 -38.67 -5.62 18.03
C GLY B 66 -37.39 -6.36 17.71
N ALA B 67 -36.35 -6.15 18.52
CA ALA B 67 -35.07 -6.82 18.29
C ALA B 67 -35.21 -8.33 18.47
N VAL B 68 -35.92 -8.75 19.52
CA VAL B 68 -36.12 -10.17 19.76
C VAL B 68 -36.81 -10.79 18.56
N ARG B 69 -37.77 -10.07 17.98
CA ARG B 69 -38.49 -10.60 16.83
C ARG B 69 -37.56 -10.83 15.63
N THR B 70 -36.62 -9.90 15.40
CA THR B 70 -35.71 -10.06 14.28
C THR B 70 -34.82 -11.28 14.52
N VAL B 71 -34.46 -11.50 15.78
CA VAL B 71 -33.63 -12.65 16.13
C VAL B 71 -34.35 -13.93 15.77
N ALA B 72 -35.63 -14.02 16.12
CA ALA B 72 -36.41 -15.20 15.81
C ALA B 72 -36.40 -15.37 14.31
N SER B 73 -36.50 -14.24 13.60
CA SER B 73 -36.49 -14.23 12.14
C SER B 73 -35.17 -14.75 11.60
N PHE B 74 -34.07 -14.41 12.27
CA PHE B 74 -32.76 -14.87 11.83
C PHE B 74 -32.55 -16.36 12.09
N ARG B 75 -33.17 -16.89 13.13
CA ARG B 75 -33.03 -18.32 13.42
C ARG B 75 -33.72 -19.02 12.27
N GLU B 76 -34.85 -18.46 11.84
CA GLU B 76 -35.60 -19.02 10.73
C GLU B 76 -34.72 -18.94 9.49
N ARG B 77 -34.10 -17.79 9.28
CA ARG B 77 -33.25 -17.59 8.12
C ARG B 77 -32.10 -18.60 8.10
N LEU B 78 -31.45 -18.80 9.24
CA LEU B 78 -30.32 -19.72 9.32
C LEU B 78 -30.74 -21.17 9.12
N ASP B 79 -31.75 -21.59 9.89
CA ASP B 79 -32.23 -22.96 9.82
C ASP B 79 -32.72 -23.42 8.45
N ARG B 80 -32.73 -22.53 7.46
CA ARG B 80 -33.13 -22.91 6.11
C ARG B 80 -32.13 -22.37 5.09
N PHE B 81 -31.00 -21.90 5.62
CA PHE B 81 -29.89 -21.37 4.82
C PHE B 81 -30.35 -20.46 3.69
N GLU B 82 -31.18 -19.48 4.03
CA GLU B 82 -31.73 -18.57 3.05
C GLU B 82 -30.79 -17.40 2.74
N ASN B 83 -30.25 -17.39 1.52
CA ASN B 83 -29.36 -16.34 1.06
C ASN B 83 -28.24 -16.03 2.05
N LEU B 84 -27.46 -17.05 2.43
CA LEU B 84 -26.35 -16.88 3.36
C LEU B 84 -25.08 -17.48 2.77
N ASP B 85 -25.03 -17.56 1.45
CA ASP B 85 -23.87 -18.12 0.77
C ASP B 85 -22.90 -16.99 0.42
N HIS B 86 -22.55 -16.21 1.45
CA HIS B 86 -21.62 -15.09 1.30
C HIS B 86 -21.01 -14.82 2.67
N HIS B 87 -20.01 -13.94 2.71
CA HIS B 87 -19.34 -13.65 3.96
C HIS B 87 -20.03 -12.64 4.87
N ASN B 88 -21.16 -12.07 4.44
CA ASN B 88 -21.85 -11.09 5.27
C ASN B 88 -22.66 -11.72 6.41
N ILE B 89 -22.39 -12.98 6.70
CA ILE B 89 -23.09 -13.64 7.79
C ILE B 89 -22.77 -12.90 9.09
N GLY B 90 -21.59 -12.27 9.11
CA GLY B 90 -21.18 -11.51 10.29
C GLY B 90 -22.05 -10.30 10.55
N PHE B 91 -22.23 -9.46 9.53
CA PHE B 91 -23.06 -8.27 9.63
C PHE B 91 -24.45 -8.66 10.12
N LEU B 92 -24.95 -9.76 9.56
CA LEU B 92 -26.27 -10.25 9.88
C LEU B 92 -26.47 -10.81 11.29
N TYR B 93 -25.52 -11.61 11.76
CA TYR B 93 -25.66 -12.24 13.07
C TYR B 93 -24.97 -11.56 14.25
N SER B 94 -23.90 -10.81 14.00
CA SER B 94 -23.25 -10.12 15.10
C SER B 94 -24.20 -9.04 15.67
N LEU B 95 -24.86 -8.30 14.79
CA LEU B 95 -25.77 -7.24 15.21
C LEU B 95 -27.17 -7.68 15.65
N SER B 96 -27.47 -8.97 15.51
CA SER B 96 -28.78 -9.48 15.92
C SER B 96 -28.67 -10.47 17.06
N ALA B 97 -28.23 -11.69 16.75
CA ALA B 97 -28.10 -12.74 17.77
C ALA B 97 -26.99 -12.45 18.77
N LYS B 98 -25.77 -12.23 18.29
CA LYS B 98 -24.66 -11.96 19.21
C LYS B 98 -24.97 -10.70 20.00
N ALA B 99 -25.67 -9.76 19.39
CA ALA B 99 -26.04 -8.52 20.07
C ALA B 99 -26.87 -8.81 21.33
N GLN B 100 -27.91 -9.64 21.21
CA GLN B 100 -28.76 -9.96 22.36
C GLN B 100 -27.97 -10.66 23.47
N TRP B 101 -26.99 -11.46 23.08
CA TRP B 101 -26.17 -12.15 24.06
C TRP B 101 -25.36 -11.08 24.78
N ILE B 102 -24.88 -10.09 24.03
CA ILE B 102 -24.11 -9.01 24.62
C ILE B 102 -24.97 -8.14 25.54
N VAL B 103 -26.19 -7.85 25.09
CA VAL B 103 -27.11 -7.01 25.83
C VAL B 103 -27.71 -7.60 27.10
N GLU B 104 -28.12 -8.86 27.04
CA GLU B 104 -28.75 -9.49 28.20
C GLU B 104 -28.34 -10.95 28.46
N LYS B 105 -27.21 -11.38 27.88
CA LYS B 105 -26.72 -12.73 28.09
C LYS B 105 -27.74 -13.83 27.78
N ASP B 106 -28.50 -13.66 26.70
CA ASP B 106 -29.49 -14.65 26.32
C ASP B 106 -28.78 -15.86 25.72
N GLU B 107 -28.99 -17.03 26.31
CA GLU B 107 -28.33 -18.25 25.85
C GLU B 107 -28.74 -18.73 24.47
N SER B 108 -30.02 -18.66 24.16
CA SER B 108 -30.48 -19.12 22.84
C SER B 108 -29.87 -18.27 21.73
N ALA B 109 -29.77 -16.97 21.96
CA ALA B 109 -29.20 -16.06 20.97
C ALA B 109 -27.72 -16.37 20.79
N ARG B 110 -27.05 -16.66 21.90
CA ARG B 110 -25.64 -17.01 21.87
C ARG B 110 -25.50 -18.24 20.97
N LYS B 111 -26.39 -19.20 21.16
CA LYS B 111 -26.35 -20.44 20.39
C LYS B 111 -26.54 -20.18 18.91
N LEU B 112 -27.46 -19.29 18.58
CA LEU B 112 -27.75 -18.93 17.19
C LEU B 112 -26.51 -18.30 16.54
N ALA B 113 -25.88 -17.35 17.23
CA ALA B 113 -24.69 -16.69 16.68
C ALA B 113 -23.61 -17.72 16.42
N LEU B 114 -23.45 -18.67 17.34
CA LEU B 114 -22.46 -19.71 17.18
C LEU B 114 -22.81 -20.59 15.99
N ASP B 115 -24.09 -20.85 15.79
CA ASP B 115 -24.52 -21.65 14.65
C ASP B 115 -24.18 -20.90 13.36
N ALA B 116 -24.40 -19.60 13.37
CA ALA B 116 -24.11 -18.78 12.19
C ALA B 116 -22.61 -18.74 11.90
N ALA B 117 -21.81 -18.65 12.96
CA ALA B 117 -20.35 -18.59 12.82
C ALA B 117 -19.82 -19.86 12.19
N ASP B 118 -20.48 -20.97 12.49
CA ASP B 118 -20.08 -22.26 11.94
C ASP B 118 -20.25 -22.29 10.43
N VAL B 119 -21.34 -21.70 9.95
CA VAL B 119 -21.61 -21.63 8.53
C VAL B 119 -20.59 -20.70 7.88
N LEU B 120 -20.29 -19.59 8.54
CA LEU B 120 -19.33 -18.62 8.02
C LEU B 120 -17.94 -19.23 7.93
N MET B 121 -17.57 -20.01 8.94
CA MET B 121 -16.26 -20.65 8.95
C MET B 121 -16.02 -21.51 7.71
N ARG B 122 -17.09 -22.09 7.19
CA ARG B 122 -16.98 -22.92 6.01
C ARG B 122 -16.79 -22.12 4.73
N ARG B 123 -16.62 -20.80 4.87
CA ARG B 123 -16.40 -19.90 3.73
C ARG B 123 -14.90 -19.87 3.42
N TRP B 124 -14.10 -20.33 4.38
CA TRP B 124 -12.65 -20.36 4.24
C TRP B 124 -12.24 -21.24 3.06
N ARG B 125 -11.21 -20.79 2.33
CA ARG B 125 -10.69 -21.53 1.19
C ARG B 125 -9.22 -21.83 1.45
N ALA B 126 -8.95 -23.03 1.94
CA ALA B 126 -7.60 -23.47 2.29
C ALA B 126 -6.53 -23.26 1.23
N ASP B 127 -6.83 -23.61 -0.01
CA ASP B 127 -5.86 -23.47 -1.09
C ASP B 127 -5.50 -22.02 -1.37
N ALA B 128 -6.45 -21.12 -1.16
CA ALA B 128 -6.25 -19.69 -1.41
C ALA B 128 -5.84 -18.90 -0.17
N GLY B 129 -6.20 -19.41 1.01
CA GLY B 129 -5.85 -18.71 2.23
C GLY B 129 -6.73 -17.50 2.47
N ILE B 130 -7.98 -17.58 2.03
CA ILE B 130 -8.93 -16.49 2.18
C ILE B 130 -10.34 -16.96 2.53
N ILE B 131 -11.18 -16.00 2.86
CA ILE B 131 -12.60 -16.24 3.16
C ILE B 131 -13.27 -15.72 1.88
N GLN B 132 -13.94 -16.59 1.14
CA GLN B 132 -14.60 -16.20 -0.11
C GLN B 132 -15.75 -15.24 0.14
N ALA B 133 -15.66 -14.06 -0.46
CA ALA B 133 -16.65 -13.01 -0.31
C ALA B 133 -18.05 -13.37 -0.79
N TRP B 134 -18.16 -13.88 -2.01
CA TRP B 134 -19.47 -14.22 -2.55
C TRP B 134 -19.45 -15.44 -3.46
N GLY B 135 -20.57 -16.15 -3.46
CA GLY B 135 -20.69 -17.33 -4.30
C GLY B 135 -20.29 -18.63 -3.64
N PRO B 136 -20.58 -19.77 -4.30
CA PRO B 136 -20.23 -21.09 -3.77
C PRO B 136 -18.76 -21.37 -4.05
N LYS B 137 -18.22 -22.38 -3.38
CA LYS B 137 -16.83 -22.76 -3.56
C LYS B 137 -16.56 -22.98 -5.04
N GLY B 138 -15.38 -22.57 -5.50
CA GLY B 138 -15.01 -22.75 -6.89
C GLY B 138 -15.70 -21.87 -7.93
N ASP B 139 -16.50 -20.90 -7.48
CA ASP B 139 -17.19 -20.01 -8.40
C ASP B 139 -16.19 -19.45 -9.40
N PRO B 140 -16.52 -19.50 -10.70
CA PRO B 140 -15.64 -19.01 -11.76
C PRO B 140 -15.06 -17.61 -11.54
N GLU B 141 -15.92 -16.66 -11.22
CA GLU B 141 -15.50 -15.27 -11.01
C GLU B 141 -15.06 -14.87 -9.61
N ASN B 142 -15.85 -15.22 -8.60
CA ASN B 142 -15.57 -14.85 -7.21
C ASN B 142 -14.94 -15.99 -6.39
N GLY B 143 -14.49 -17.04 -7.06
CA GLY B 143 -13.89 -18.18 -6.37
C GLY B 143 -12.75 -17.83 -5.42
N GLY B 144 -11.87 -16.93 -5.84
CA GLY B 144 -10.77 -16.55 -4.96
C GLY B 144 -10.74 -15.04 -4.79
N ARG B 145 -11.92 -14.46 -4.62
CA ARG B 145 -12.05 -13.01 -4.48
C ARG B 145 -12.41 -12.60 -3.05
N ILE B 146 -11.69 -11.62 -2.53
CA ILE B 146 -12.01 -11.11 -1.20
C ILE B 146 -12.50 -9.68 -1.40
N ILE B 147 -13.24 -9.18 -0.44
CA ILE B 147 -13.75 -7.81 -0.51
C ILE B 147 -13.41 -7.22 0.85
N ILE B 148 -12.98 -5.98 0.87
CA ILE B 148 -12.58 -5.33 2.11
C ILE B 148 -13.61 -5.36 3.24
N ASP B 149 -14.90 -5.34 2.90
CA ASP B 149 -15.91 -5.38 3.94
C ASP B 149 -15.83 -6.68 4.74
N CYS B 150 -15.13 -7.67 4.19
CA CYS B 150 -14.99 -8.94 4.89
C CYS B 150 -14.45 -8.74 6.30
N LEU B 151 -13.67 -7.68 6.49
CA LEU B 151 -13.08 -7.41 7.81
C LEU B 151 -14.11 -7.30 8.92
N LEU B 152 -15.28 -6.74 8.60
CA LEU B 152 -16.34 -6.58 9.60
C LEU B 152 -17.12 -7.86 9.86
N ASN B 153 -16.79 -8.92 9.12
CA ASN B 153 -17.46 -10.21 9.31
C ASN B 153 -16.59 -11.14 10.14
N LEU B 154 -15.33 -10.76 10.31
CA LEU B 154 -14.39 -11.56 11.09
C LEU B 154 -14.71 -11.55 12.59
N PRO B 155 -15.28 -10.46 13.11
CA PRO B 155 -15.60 -10.41 14.54
C PRO B 155 -16.50 -11.58 14.97
N LEU B 156 -17.44 -11.98 14.12
CA LEU B 156 -18.32 -13.09 14.46
C LEU B 156 -17.47 -14.34 14.66
N LEU B 157 -16.51 -14.57 13.76
CA LEU B 157 -15.64 -15.74 13.89
C LEU B 157 -14.74 -15.63 15.11
N LEU B 158 -14.15 -14.46 15.30
CA LEU B 158 -13.24 -14.24 16.43
C LEU B 158 -13.97 -14.44 17.76
N TRP B 159 -15.19 -13.93 17.84
CA TRP B 159 -16.01 -14.08 19.04
C TRP B 159 -16.31 -15.57 19.25
N ALA B 160 -16.68 -16.25 18.17
CA ALA B 160 -17.02 -17.68 18.24
C ALA B 160 -15.83 -18.51 18.74
N GLY B 161 -14.64 -18.15 18.28
CA GLY B 161 -13.44 -18.85 18.70
C GLY B 161 -13.29 -18.78 20.20
N GLU B 162 -13.53 -17.60 20.75
CA GLU B 162 -13.43 -17.38 22.19
C GLU B 162 -14.47 -18.24 22.92
N GLN B 163 -15.71 -18.16 22.48
CA GLN B 163 -16.79 -18.93 23.09
C GLN B 163 -16.55 -20.43 23.07
N THR B 164 -16.05 -20.95 21.94
CA THR B 164 -15.84 -22.38 21.77
C THR B 164 -14.49 -22.96 22.15
N GLY B 165 -13.45 -22.15 22.13
CA GLY B 165 -12.13 -22.64 22.46
C GLY B 165 -11.50 -23.36 21.29
N ASP B 166 -12.13 -23.24 20.12
CA ASP B 166 -11.62 -23.87 18.90
C ASP B 166 -10.75 -22.84 18.20
N PRO B 167 -9.44 -23.09 18.15
CA PRO B 167 -8.45 -22.20 17.53
C PRO B 167 -8.59 -21.96 16.02
N GLU B 168 -9.39 -22.77 15.35
CA GLU B 168 -9.58 -22.62 13.91
C GLU B 168 -10.14 -21.26 13.52
N TYR B 169 -11.07 -20.74 14.31
CA TYR B 169 -11.71 -19.45 14.06
C TYR B 169 -10.69 -18.32 14.01
N ARG B 170 -9.87 -18.21 15.05
CA ARG B 170 -8.87 -17.15 15.09
C ARG B 170 -7.86 -17.38 13.97
N ARG B 171 -7.56 -18.63 13.69
CA ARG B 171 -6.59 -18.97 12.64
C ARG B 171 -6.99 -18.40 11.28
N VAL B 172 -8.18 -18.76 10.81
CA VAL B 172 -8.65 -18.29 9.51
C VAL B 172 -8.89 -16.78 9.50
N ALA B 173 -9.44 -16.24 10.59
CA ALA B 173 -9.71 -14.80 10.68
C ALA B 173 -8.42 -14.01 10.54
N GLU B 174 -7.43 -14.40 11.32
CA GLU B 174 -6.13 -13.74 11.29
C GLU B 174 -5.47 -13.77 9.91
N ALA B 175 -5.47 -14.93 9.27
CA ALA B 175 -4.85 -15.07 7.96
C ALA B 175 -5.54 -14.18 6.93
N HIS B 176 -6.87 -14.14 7.00
CA HIS B 176 -7.63 -13.34 6.07
C HIS B 176 -7.37 -11.84 6.29
N ALA B 177 -7.28 -11.43 7.54
CA ALA B 177 -7.02 -10.04 7.87
C ALA B 177 -5.65 -9.64 7.35
N LEU B 178 -4.64 -10.45 7.63
CA LEU B 178 -3.29 -10.15 7.15
C LEU B 178 -3.24 -10.11 5.64
N LYS B 179 -3.93 -11.04 4.98
CA LYS B 179 -3.91 -11.04 3.52
C LYS B 179 -4.56 -9.77 2.99
N SER B 180 -5.63 -9.31 3.65
CA SER B 180 -6.33 -8.11 3.23
C SER B 180 -5.41 -6.90 3.33
N ARG B 181 -4.62 -6.87 4.40
CA ARG B 181 -3.69 -5.80 4.64
C ARG B 181 -2.61 -5.71 3.55
N ARG B 182 -2.05 -6.85 3.17
CA ARG B 182 -1.01 -6.85 2.14
C ARG B 182 -1.51 -6.54 0.73
N PHE B 183 -2.74 -6.93 0.42
CA PHE B 183 -3.23 -6.71 -0.93
C PHE B 183 -4.39 -5.75 -1.17
N LEU B 184 -5.20 -5.46 -0.16
CA LEU B 184 -6.30 -4.51 -0.36
C LEU B 184 -5.85 -3.07 -0.10
N VAL B 185 -4.96 -2.91 0.87
CA VAL B 185 -4.46 -1.59 1.22
C VAL B 185 -3.33 -1.22 0.28
N ARG B 186 -3.32 0.04 -0.15
CA ARG B 186 -2.30 0.52 -1.08
C ARG B 186 -1.17 1.26 -0.36
N GLY B 187 -0.08 1.48 -1.09
CA GLY B 187 1.07 2.16 -0.53
C GLY B 187 0.84 3.62 -0.15
N ASP B 188 -0.25 4.22 -0.62
CA ASP B 188 -0.54 5.61 -0.26
C ASP B 188 -1.62 5.62 0.83
N ASP B 189 -1.88 4.44 1.38
CA ASP B 189 -2.86 4.26 2.45
C ASP B 189 -4.31 4.28 1.97
N SER B 190 -4.49 4.25 0.66
CA SER B 190 -5.82 4.22 0.07
C SER B 190 -6.09 2.71 0.02
N SER B 191 -7.13 2.29 -0.65
CA SER B 191 -7.41 0.86 -0.71
C SER B 191 -8.23 0.42 -1.89
N TYR B 192 -8.06 -0.85 -2.25
CA TYR B 192 -8.82 -1.46 -3.33
C TYR B 192 -10.10 -1.93 -2.67
N HIS B 193 -11.16 -2.14 -3.45
CA HIS B 193 -12.44 -2.62 -2.90
C HIS B 193 -12.36 -4.15 -2.77
N THR B 194 -11.87 -4.81 -3.82
CA THR B 194 -11.75 -6.26 -3.80
C THR B 194 -10.41 -6.68 -4.39
N PHE B 195 -10.03 -7.93 -4.17
CA PHE B 195 -8.78 -8.42 -4.73
C PHE B 195 -8.95 -9.84 -5.18
N TYR B 196 -8.34 -10.19 -6.30
CA TYR B 196 -8.45 -11.53 -6.84
C TYR B 196 -7.18 -12.36 -6.66
N PHE B 197 -7.35 -13.60 -6.21
CA PHE B 197 -6.24 -14.53 -6.04
C PHE B 197 -6.54 -15.81 -6.80
N ASP B 198 -5.48 -16.55 -7.14
CA ASP B 198 -5.62 -17.82 -7.84
C ASP B 198 -6.19 -18.82 -6.83
N PRO B 199 -7.42 -19.30 -7.06
CA PRO B 199 -8.05 -20.25 -6.13
C PRO B 199 -7.27 -21.56 -5.92
N GLU B 200 -6.28 -21.79 -6.78
CA GLU B 200 -5.45 -22.99 -6.67
C GLU B 200 -4.27 -22.86 -5.71
N ASN B 201 -3.45 -21.84 -5.93
CA ASN B 201 -2.26 -21.62 -5.11
C ASN B 201 -2.29 -20.37 -4.23
N GLY B 202 -3.18 -19.44 -4.54
CA GLY B 202 -3.27 -18.23 -3.74
C GLY B 202 -2.47 -17.06 -4.27
N ASN B 203 -1.81 -17.24 -5.42
CA ASN B 203 -1.02 -16.18 -6.03
C ASN B 203 -1.91 -14.94 -6.15
N ALA B 204 -1.29 -13.76 -6.06
CA ALA B 204 -2.01 -12.51 -6.18
C ALA B 204 -2.21 -12.18 -7.65
N ILE B 205 -3.46 -11.91 -8.04
CA ILE B 205 -3.77 -11.59 -9.43
C ILE B 205 -3.93 -10.08 -9.65
N ARG B 206 -4.96 -9.49 -9.06
CA ARG B 206 -5.18 -8.07 -9.25
C ARG B 206 -6.22 -7.51 -8.29
N GLY B 207 -6.20 -6.19 -8.11
CA GLY B 207 -7.18 -5.54 -7.27
C GLY B 207 -8.20 -4.90 -8.19
N GLY B 208 -9.45 -4.81 -7.75
CA GLY B 208 -10.46 -4.20 -8.61
C GLY B 208 -11.79 -3.95 -7.92
N THR B 209 -12.74 -3.40 -8.67
CA THR B 209 -14.06 -3.10 -8.12
C THR B 209 -15.12 -3.00 -9.21
N HIS B 210 -16.37 -3.05 -8.78
CA HIS B 210 -17.52 -2.93 -9.68
C HIS B 210 -18.41 -1.86 -9.05
N GLN B 211 -17.97 -1.37 -7.89
CA GLN B 211 -18.71 -0.35 -7.15
C GLN B 211 -17.96 0.99 -7.13
N GLY B 212 -16.65 0.95 -6.88
CA GLY B 212 -15.87 2.18 -6.87
C GLY B 212 -15.78 2.74 -8.28
N ASN B 213 -15.34 3.98 -8.44
CA ASN B 213 -15.26 4.58 -9.78
C ASN B 213 -14.41 3.78 -10.78
N THR B 214 -13.23 3.33 -10.35
CA THR B 214 -12.34 2.51 -11.19
C THR B 214 -11.59 1.56 -10.27
N ASP B 215 -10.93 0.55 -10.83
CA ASP B 215 -10.20 -0.41 -10.00
C ASP B 215 -9.14 0.28 -9.16
N GLY B 216 -8.62 1.40 -9.67
CA GLY B 216 -7.59 2.14 -8.94
C GLY B 216 -8.09 3.31 -8.11
N SER B 217 -9.40 3.52 -8.06
CA SER B 217 -9.97 4.61 -7.29
C SER B 217 -10.04 4.29 -5.80
N THR B 218 -10.67 5.17 -5.03
CA THR B 218 -10.83 4.94 -3.61
C THR B 218 -12.30 5.15 -3.22
N TRP B 219 -13.05 4.06 -3.28
CA TRP B 219 -14.46 4.04 -2.94
C TRP B 219 -14.52 4.32 -1.44
N THR B 220 -15.16 5.43 -1.04
CA THR B 220 -15.18 5.79 0.38
C THR B 220 -15.71 4.78 1.37
N ARG B 221 -16.84 4.13 1.08
CA ARG B 221 -17.31 3.14 2.05
C ARG B 221 -16.28 2.02 2.20
N GLY B 222 -15.64 1.65 1.10
CA GLY B 222 -14.63 0.60 1.17
C GLY B 222 -13.51 1.06 2.07
N GLN B 223 -13.08 2.30 1.89
CA GLN B 223 -12.03 2.86 2.73
C GLN B 223 -12.50 2.82 4.19
N ALA B 224 -13.79 3.12 4.39
CA ALA B 224 -14.36 3.11 5.75
C ALA B 224 -14.38 1.70 6.35
N TRP B 225 -14.71 0.70 5.53
CA TRP B 225 -14.74 -0.69 6.02
C TRP B 225 -13.33 -1.03 6.51
N GLY B 226 -12.32 -0.63 5.76
CA GLY B 226 -10.96 -0.89 6.15
C GLY B 226 -10.59 -0.24 7.47
N ILE B 227 -10.94 1.02 7.63
CA ILE B 227 -10.66 1.74 8.86
C ILE B 227 -11.24 1.04 10.09
N TYR B 228 -12.56 0.85 10.09
CA TYR B 228 -13.21 0.19 11.22
C TYR B 228 -12.83 -1.30 11.28
N GLY B 229 -12.87 -1.95 10.12
CA GLY B 229 -12.54 -3.35 10.03
C GLY B 229 -11.19 -3.77 10.58
N PHE B 230 -10.12 -3.10 10.17
CA PHE B 230 -8.79 -3.45 10.66
C PHE B 230 -8.66 -3.22 12.16
N ALA B 231 -9.34 -2.19 12.65
CA ALA B 231 -9.31 -1.86 14.06
C ALA B 231 -10.02 -2.93 14.89
N LEU B 232 -11.14 -3.43 14.38
CA LEU B 232 -11.86 -4.47 15.12
C LEU B 232 -11.01 -5.72 15.19
N ASN B 233 -10.33 -6.04 14.10
CA ASN B 233 -9.47 -7.22 14.09
C ASN B 233 -8.23 -7.00 14.93
N SER B 234 -7.73 -5.77 14.95
CA SER B 234 -6.56 -5.46 15.77
C SER B 234 -6.91 -5.70 17.23
N ARG B 235 -8.13 -5.35 17.63
CA ARG B 235 -8.56 -5.54 19.00
C ARG B 235 -8.57 -7.02 19.38
N TYR B 236 -9.26 -7.84 18.60
CA TYR B 236 -9.31 -9.27 18.88
C TYR B 236 -7.94 -9.94 18.85
N LEU B 237 -7.17 -9.66 17.80
CA LEU B 237 -5.87 -10.27 17.62
C LEU B 237 -4.68 -9.67 18.37
N GLY B 238 -4.85 -8.48 18.93
CA GLY B 238 -3.73 -7.85 19.63
C GLY B 238 -2.62 -7.67 18.61
N ASN B 239 -3.00 -7.33 17.39
CA ASN B 239 -2.05 -7.15 16.31
C ASN B 239 -1.75 -5.68 16.03
N ALA B 240 -0.54 -5.26 16.39
CA ALA B 240 -0.11 -3.87 16.21
C ALA B 240 -0.06 -3.45 14.74
N ASP B 241 0.25 -4.38 13.85
CA ASP B 241 0.32 -4.04 12.44
C ASP B 241 -1.06 -3.67 11.91
N LEU B 242 -2.08 -4.46 12.24
CA LEU B 242 -3.43 -4.16 11.79
C LEU B 242 -3.89 -2.80 12.36
N LEU B 243 -3.52 -2.50 13.61
CA LEU B 243 -3.90 -1.22 14.20
C LEU B 243 -3.25 -0.06 13.44
N GLU B 244 -1.99 -0.23 13.07
CA GLU B 244 -1.27 0.80 12.32
C GLU B 244 -1.94 0.98 10.97
N THR B 245 -2.36 -0.13 10.36
CA THR B 245 -3.01 -0.05 9.06
C THR B 245 -4.31 0.75 9.19
N ALA B 246 -5.04 0.53 10.28
CA ALA B 246 -6.28 1.26 10.50
C ALA B 246 -6.00 2.76 10.59
N LYS B 247 -4.95 3.11 11.32
CA LYS B 247 -4.56 4.52 11.47
C LYS B 247 -4.22 5.14 10.13
N ARG B 248 -3.34 4.48 9.38
CA ARG B 248 -2.94 4.98 8.07
C ARG B 248 -4.15 5.29 7.20
N MET B 249 -5.05 4.32 7.09
CA MET B 249 -6.25 4.49 6.27
C MET B 249 -7.13 5.61 6.83
N ALA B 250 -7.18 5.73 8.15
CA ALA B 250 -7.98 6.78 8.77
C ALA B 250 -7.42 8.15 8.40
N ARG B 251 -6.10 8.30 8.49
CA ARG B 251 -5.46 9.57 8.16
C ARG B 251 -5.72 9.94 6.71
N HIS B 252 -5.69 8.95 5.83
CA HIS B 252 -5.91 9.17 4.39
C HIS B 252 -7.32 9.69 4.15
N PHE B 253 -8.28 9.07 4.82
CA PHE B 253 -9.68 9.42 4.71
C PHE B 253 -9.92 10.85 5.21
N LEU B 254 -9.40 11.15 6.39
CA LEU B 254 -9.55 12.48 6.99
C LEU B 254 -8.98 13.62 6.15
N ALA B 255 -7.85 13.38 5.49
CA ALA B 255 -7.22 14.40 4.66
C ALA B 255 -8.06 14.70 3.42
N ARG B 256 -9.08 13.88 3.17
CA ARG B 256 -9.92 14.08 2.00
C ARG B 256 -11.39 14.37 2.29
N VAL B 257 -11.66 14.76 3.53
CA VAL B 257 -13.02 15.12 3.94
C VAL B 257 -13.26 16.51 3.35
N PRO B 258 -14.36 16.67 2.60
CA PRO B 258 -14.64 17.99 2.01
C PRO B 258 -15.19 19.03 2.99
N GLU B 259 -15.49 20.20 2.44
CA GLU B 259 -16.03 21.34 3.18
C GLU B 259 -17.05 21.00 4.29
N ASP B 260 -18.20 20.46 3.91
CA ASP B 260 -19.25 20.17 4.88
C ASP B 260 -19.01 19.00 5.85
N GLY B 261 -17.81 18.42 5.80
CA GLY B 261 -17.50 17.34 6.73
C GLY B 261 -17.94 15.91 6.40
N VAL B 262 -18.65 15.73 5.29
CA VAL B 262 -19.11 14.41 4.88
C VAL B 262 -18.56 14.12 3.48
N VAL B 263 -17.96 12.94 3.33
CA VAL B 263 -17.33 12.55 2.07
C VAL B 263 -18.21 12.25 0.87
N TYR B 264 -17.60 12.36 -0.31
CA TYR B 264 -18.29 12.05 -1.55
C TYR B 264 -18.24 10.54 -1.68
N TRP B 265 -18.85 9.97 -2.72
CA TRP B 265 -18.87 8.52 -2.84
C TRP B 265 -17.54 7.86 -3.19
N ASP B 266 -16.63 8.62 -3.81
CA ASP B 266 -15.32 8.12 -4.20
C ASP B 266 -14.35 9.31 -4.13
N PHE B 267 -13.19 9.10 -3.53
CA PHE B 267 -12.19 10.17 -3.41
C PHE B 267 -11.56 10.58 -4.75
N GLU B 268 -11.63 9.72 -5.76
CA GLU B 268 -10.99 10.03 -7.03
C GLU B 268 -11.89 10.50 -8.17
N VAL B 269 -12.99 11.16 -7.82
CA VAL B 269 -13.88 11.74 -8.81
C VAL B 269 -13.89 13.22 -8.41
N PRO B 270 -14.42 14.10 -9.28
CA PRO B 270 -14.41 15.51 -8.87
C PRO B 270 -15.07 15.70 -7.51
N GLN B 271 -14.38 16.31 -6.58
CA GLN B 271 -14.96 16.53 -5.25
C GLN B 271 -15.78 17.81 -5.36
N GLU B 272 -16.87 17.73 -6.12
CA GLU B 272 -17.75 18.85 -6.37
C GLU B 272 -19.18 18.59 -5.89
N PRO B 273 -19.85 19.65 -5.40
CA PRO B 273 -21.22 19.54 -4.89
C PRO B 273 -22.24 18.75 -5.72
N SER B 274 -22.14 18.79 -7.05
CA SER B 274 -23.11 18.05 -7.85
C SER B 274 -22.85 16.54 -7.88
N SER B 275 -21.72 16.11 -7.35
CA SER B 275 -21.41 14.69 -7.33
C SER B 275 -22.10 14.02 -6.14
N TYR B 276 -22.34 12.72 -6.24
CA TYR B 276 -23.00 11.99 -5.17
C TYR B 276 -22.13 11.89 -3.92
N ARG B 277 -22.79 11.78 -2.77
CA ARG B 277 -22.08 11.65 -1.50
C ARG B 277 -22.29 10.25 -0.96
N ASP B 278 -21.64 9.95 0.15
CA ASP B 278 -21.86 8.68 0.85
C ASP B 278 -21.75 8.91 2.33
N SER B 279 -22.83 9.43 2.91
CA SER B 279 -22.88 9.72 4.33
C SER B 279 -22.57 8.46 5.14
N SER B 280 -22.92 7.30 4.60
CA SER B 280 -22.67 6.05 5.33
C SER B 280 -21.18 5.83 5.54
N ALA B 281 -20.36 6.25 4.58
CA ALA B 281 -18.92 6.07 4.72
C ALA B 281 -18.42 6.92 5.89
N SER B 282 -18.97 8.13 6.04
CA SER B 282 -18.56 9.00 7.13
C SER B 282 -19.02 8.42 8.46
N ALA B 283 -20.24 7.89 8.46
CA ALA B 283 -20.79 7.27 9.67
C ALA B 283 -19.91 6.09 10.09
N ILE B 284 -19.55 5.24 9.14
CA ILE B 284 -18.71 4.09 9.47
C ILE B 284 -17.36 4.54 10.02
N THR B 285 -16.75 5.52 9.34
CA THR B 285 -15.46 6.01 9.77
C THR B 285 -15.50 6.63 11.15
N ALA B 286 -16.59 7.31 11.49
CA ALA B 286 -16.73 7.92 12.81
C ALA B 286 -16.55 6.82 13.86
N CYS B 287 -17.23 5.70 13.64
CA CYS B 287 -17.13 4.58 14.56
C CYS B 287 -15.71 4.03 14.56
N GLY B 288 -15.11 3.93 13.37
CA GLY B 288 -13.75 3.41 13.26
C GLY B 288 -12.72 4.26 13.99
N LEU B 289 -12.91 5.58 13.94
CA LEU B 289 -11.99 6.50 14.59
C LEU B 289 -12.06 6.29 16.10
N LEU B 290 -13.28 6.15 16.62
CA LEU B 290 -13.47 5.94 18.04
C LEU B 290 -12.87 4.60 18.47
N GLU B 291 -13.07 3.57 17.66
CA GLU B 291 -12.51 2.24 17.96
C GLU B 291 -10.99 2.30 18.02
N ILE B 292 -10.38 2.96 17.04
CA ILE B 292 -8.91 3.09 17.03
C ILE B 292 -8.46 3.81 18.30
N ALA B 293 -9.06 4.98 18.57
CA ALA B 293 -8.69 5.73 19.76
C ALA B 293 -8.77 4.88 21.02
N SER B 294 -9.81 4.08 21.16
CA SER B 294 -9.98 3.24 22.34
C SER B 294 -8.85 2.25 22.53
N GLN B 295 -8.05 2.03 21.49
CA GLN B 295 -6.93 1.10 21.58
C GLN B 295 -5.57 1.76 21.73
N LEU B 296 -5.53 3.07 21.67
CA LEU B 296 -4.27 3.79 21.78
C LEU B 296 -4.00 4.22 23.21
N ASP B 297 -2.73 4.34 23.55
CA ASP B 297 -2.34 4.77 24.89
C ASP B 297 -2.86 6.20 25.08
N GLU B 298 -3.15 6.56 26.32
CA GLU B 298 -3.65 7.90 26.62
C GLU B 298 -2.53 8.90 26.35
N SER B 299 -1.29 8.41 26.42
CA SER B 299 -0.12 9.26 26.20
C SER B 299 0.13 9.51 24.71
N ASP B 300 -0.65 8.83 23.86
CA ASP B 300 -0.52 8.99 22.42
C ASP B 300 -1.32 10.22 21.99
N PRO B 301 -0.63 11.24 21.43
CA PRO B 301 -1.26 12.49 20.97
C PRO B 301 -2.35 12.31 19.94
N GLU B 302 -2.24 11.27 19.14
CA GLU B 302 -3.22 11.02 18.08
C GLU B 302 -4.54 10.48 18.62
N ARG B 303 -4.53 10.02 19.87
CA ARG B 303 -5.74 9.47 20.48
C ARG B 303 -6.89 10.48 20.53
N GLN B 304 -6.64 11.65 21.11
CA GLN B 304 -7.69 12.66 21.21
C GLN B 304 -7.97 13.23 19.83
N ARG B 305 -6.95 13.21 18.97
CA ARG B 305 -7.10 13.73 17.62
C ARG B 305 -8.19 12.96 16.89
N PHE B 306 -8.13 11.64 16.97
CA PHE B 306 -9.13 10.80 16.30
C PHE B 306 -10.49 10.95 16.96
N ILE B 307 -10.49 11.10 18.28
CA ILE B 307 -11.74 11.28 19.00
C ILE B 307 -12.41 12.56 18.52
N ASP B 308 -11.65 13.65 18.48
CA ASP B 308 -12.20 14.91 18.03
C ASP B 308 -12.67 14.80 16.57
N ALA B 309 -11.91 14.07 15.75
CA ALA B 309 -12.30 13.91 14.35
C ALA B 309 -13.61 13.13 14.26
N ALA B 310 -13.81 12.20 15.20
CA ALA B 310 -15.03 11.42 15.22
C ALA B 310 -16.20 12.33 15.61
N LYS B 311 -15.97 13.17 16.60
CA LYS B 311 -17.00 14.10 17.07
C LYS B 311 -17.37 15.10 15.98
N THR B 312 -16.36 15.58 15.26
CA THR B 312 -16.59 16.53 14.18
C THR B 312 -17.42 15.88 13.09
N THR B 313 -17.11 14.63 12.77
CA THR B 313 -17.83 13.87 11.75
C THR B 313 -19.30 13.70 12.12
N VAL B 314 -19.55 13.33 13.36
CA VAL B 314 -20.93 13.13 13.83
C VAL B 314 -21.70 14.44 13.76
N THR B 315 -21.06 15.53 14.18
CA THR B 315 -21.71 16.83 14.14
C THR B 315 -22.01 17.22 12.70
N ALA B 316 -21.08 16.93 11.79
CA ALA B 316 -21.27 17.25 10.38
C ALA B 316 -22.48 16.49 9.83
N LEU B 317 -22.61 15.22 10.22
CA LEU B 317 -23.72 14.41 9.77
C LEU B 317 -25.02 14.97 10.35
N ARG B 318 -24.98 15.26 11.64
CA ARG B 318 -26.13 15.82 12.34
C ARG B 318 -26.63 17.13 11.73
N ASP B 319 -25.71 18.08 11.54
CA ASP B 319 -26.06 19.40 10.99
C ASP B 319 -26.51 19.41 9.54
N GLY B 320 -25.75 18.76 8.67
CA GLY B 320 -26.10 18.77 7.27
C GLY B 320 -26.74 17.55 6.65
N TYR B 321 -26.90 16.47 7.40
CA TYR B 321 -27.49 15.26 6.82
C TYR B 321 -28.60 14.58 7.63
N ALA B 322 -28.61 14.77 8.93
CA ALA B 322 -29.61 14.17 9.81
C ALA B 322 -31.02 14.62 9.54
N GLU B 323 -31.96 13.67 9.59
CA GLU B 323 -33.36 13.93 9.39
C GLU B 323 -33.95 14.16 10.77
N ARG B 324 -34.93 15.05 10.87
CA ARG B 324 -35.55 15.29 12.17
C ARG B 324 -36.73 14.34 12.21
N ASP B 325 -37.19 14.01 13.42
CA ASP B 325 -38.33 13.15 13.58
C ASP B 325 -39.56 14.00 13.25
N ASP B 326 -39.86 14.14 11.97
CA ASP B 326 -41.01 14.93 11.52
C ASP B 326 -42.28 14.10 11.33
N GLY B 327 -42.21 12.84 11.74
CA GLY B 327 -43.37 11.97 11.62
C GLY B 327 -43.52 11.31 10.27
N GLU B 328 -42.56 11.57 9.37
CA GLU B 328 -42.60 10.99 8.02
C GLU B 328 -41.28 10.34 7.59
N ALA B 329 -40.17 11.02 7.86
CA ALA B 329 -38.85 10.50 7.50
C ALA B 329 -38.58 9.17 8.19
N GLU B 330 -38.05 8.20 7.44
CA GLU B 330 -37.77 6.89 8.00
C GLU B 330 -36.28 6.59 8.22
N GLY B 331 -35.42 7.49 7.73
CA GLY B 331 -33.99 7.31 7.89
C GLY B 331 -33.32 8.32 8.79
N PHE B 332 -32.20 7.95 9.39
CA PHE B 332 -31.46 8.82 10.29
C PHE B 332 -30.66 9.88 9.53
N ILE B 333 -29.91 9.45 8.52
CA ILE B 333 -29.11 10.37 7.72
C ILE B 333 -29.38 10.28 6.23
N ARG B 334 -29.36 11.43 5.58
CA ARG B 334 -29.62 11.49 4.16
C ARG B 334 -28.34 11.34 3.36
N ARG B 335 -28.51 11.22 2.06
CA ARG B 335 -27.41 11.14 1.09
C ARG B 335 -26.38 10.02 1.25
N GLY B 336 -26.87 8.82 1.52
CA GLY B 336 -25.96 7.69 1.57
C GLY B 336 -26.03 7.25 0.12
N SER B 337 -25.15 6.34 -0.30
CA SER B 337 -25.22 5.87 -1.68
C SER B 337 -24.97 4.37 -1.68
N TYR B 338 -25.85 3.63 -2.36
CA TYR B 338 -25.69 2.18 -2.43
C TYR B 338 -24.76 1.81 -3.57
N HIS B 339 -25.26 1.97 -4.80
CA HIS B 339 -24.52 1.67 -6.01
C HIS B 339 -24.53 2.86 -6.96
N VAL B 340 -23.58 3.77 -6.79
CA VAL B 340 -23.49 4.94 -7.65
C VAL B 340 -23.30 4.52 -9.11
N ARG B 341 -22.35 3.62 -9.36
CA ARG B 341 -22.09 3.15 -10.71
C ARG B 341 -23.36 2.57 -11.33
N GLY B 342 -23.99 1.64 -10.64
CA GLY B 342 -25.20 1.04 -11.17
C GLY B 342 -26.45 1.92 -11.14
N GLY B 343 -26.33 3.12 -10.56
CA GLY B 343 -27.48 4.01 -10.49
C GLY B 343 -28.56 3.52 -9.54
N ILE B 344 -28.18 2.67 -8.59
CA ILE B 344 -29.11 2.11 -7.61
C ILE B 344 -29.00 2.87 -6.30
N SER B 345 -30.07 3.60 -5.94
CA SER B 345 -30.10 4.38 -4.70
C SER B 345 -28.80 5.14 -4.40
N PRO B 346 -28.40 6.06 -5.28
CA PRO B 346 -27.18 6.84 -5.11
C PRO B 346 -27.26 8.08 -4.22
N ASP B 347 -28.43 8.34 -3.65
CA ASP B 347 -28.64 9.52 -2.83
C ASP B 347 -29.87 9.14 -2.02
N ASP B 348 -29.64 8.35 -0.97
CA ASP B 348 -30.74 7.83 -0.18
C ASP B 348 -30.33 7.38 1.21
N TYR B 349 -31.31 6.88 1.96
CA TYR B 349 -31.00 6.36 3.29
C TYR B 349 -30.39 5.00 3.02
N THR B 350 -29.48 4.57 3.89
CA THR B 350 -28.89 3.23 3.81
C THR B 350 -28.96 2.77 5.26
N ILE B 351 -29.50 1.59 5.50
CA ILE B 351 -29.65 1.12 6.87
C ILE B 351 -28.31 0.94 7.59
N TRP B 352 -27.26 0.66 6.85
CA TRP B 352 -25.95 0.50 7.48
C TRP B 352 -25.48 1.88 7.87
N GLY B 353 -25.74 2.86 7.01
CA GLY B 353 -25.37 4.23 7.33
C GLY B 353 -26.08 4.62 8.63
N ASP B 354 -27.38 4.36 8.70
CA ASP B 354 -28.15 4.68 9.90
C ASP B 354 -27.58 4.01 11.15
N TYR B 355 -27.29 2.71 11.05
CA TYR B 355 -26.75 1.98 12.19
C TYR B 355 -25.45 2.56 12.72
N TYR B 356 -24.47 2.78 11.83
CA TYR B 356 -23.20 3.32 12.27
C TYR B 356 -23.34 4.72 12.81
N TYR B 357 -24.25 5.51 12.24
CA TYR B 357 -24.48 6.86 12.75
C TYR B 357 -24.93 6.73 14.20
N LEU B 358 -25.93 5.87 14.42
CA LEU B 358 -26.44 5.66 15.78
C LEU B 358 -25.38 5.03 16.71
N GLU B 359 -24.56 4.13 16.20
CA GLU B 359 -23.55 3.50 17.03
C GLU B 359 -22.55 4.57 17.49
N ALA B 360 -22.23 5.51 16.60
CA ALA B 360 -21.31 6.59 16.93
C ALA B 360 -21.92 7.43 18.04
N LEU B 361 -23.21 7.73 17.91
CA LEU B 361 -23.93 8.49 18.92
C LEU B 361 -23.91 7.80 20.27
N LEU B 362 -24.21 6.50 20.28
CA LEU B 362 -24.21 5.72 21.52
C LEU B 362 -22.81 5.64 22.12
N ARG B 363 -21.81 5.47 21.26
CA ARG B 363 -20.42 5.39 21.71
C ARG B 363 -20.04 6.68 22.42
N LEU B 364 -20.34 7.81 21.78
CA LEU B 364 -20.01 9.13 22.34
C LEU B 364 -20.80 9.51 23.59
N GLU B 365 -22.10 9.26 23.57
CA GLU B 365 -22.98 9.61 24.67
C GLU B 365 -22.99 8.65 25.87
N ARG B 366 -22.93 7.35 25.60
CA ARG B 366 -22.98 6.35 26.67
C ARG B 366 -21.81 5.37 26.73
N GLY B 367 -20.91 5.44 25.75
CA GLY B 367 -19.79 4.52 25.75
C GLY B 367 -20.22 3.12 25.30
N VAL B 368 -21.39 3.04 24.65
CA VAL B 368 -21.91 1.78 24.15
C VAL B 368 -21.20 1.52 22.82
N THR B 369 -20.44 0.44 22.76
CA THR B 369 -19.62 0.12 21.60
C THR B 369 -20.17 -0.79 20.51
N GLY B 370 -21.49 -1.00 20.48
CA GLY B 370 -22.03 -1.85 19.45
C GLY B 370 -21.93 -3.33 19.77
N TYR B 371 -22.02 -4.16 18.74
CA TYR B 371 -22.01 -5.59 18.93
C TYR B 371 -20.95 -6.36 18.15
N TRP B 372 -19.73 -5.82 18.11
CA TRP B 372 -18.64 -6.47 17.41
C TRP B 372 -17.84 -7.34 18.36
N TYR B 373 -17.86 -6.99 19.64
CA TYR B 373 -17.15 -7.76 20.67
C TYR B 373 -17.82 -7.56 22.02
N GLU B 374 -17.51 -8.45 22.97
CA GLU B 374 -18.09 -8.37 24.30
C GLU B 374 -17.74 -7.03 24.94
N ARG B 375 -18.61 -6.53 25.79
CA ARG B 375 -18.37 -5.26 26.48
C ARG B 375 -17.31 -5.44 27.56
N GLY B 376 -16.47 -4.44 27.73
CA GLY B 376 -15.42 -4.53 28.74
C GLY B 376 -14.60 -5.80 28.65
N ARG B 377 -14.34 -6.24 27.42
CA ARG B 377 -13.54 -7.45 27.21
C ARG B 377 -12.40 -7.19 26.23
#